data_4YMK
#
_entry.id   4YMK
#
_cell.length_a   77.061
_cell.length_b   113.766
_cell.length_c   141.698
_cell.angle_alpha   90.000
_cell.angle_beta   90.000
_cell.angle_gamma   90.000
#
_symmetry.space_group_name_H-M   'P 21 21 21'
#
loop_
_entity.id
_entity.type
_entity.pdbx_description
1 polymer 'Acyl-CoA desaturase 1'
2 non-polymer 'ZINC ION'
3 non-polymer 'STEAROYL-COENZYME A'
4 non-polymer '[(Z)-octadec-9-enyl] (2R)-2,3-bis(oxidanyl)propanoate'
5 water water
#
_entity_poly.entity_id   1
_entity_poly.type   'polypeptide(L)'
_entity_poly.pdbx_seq_one_letter_code
;MSGNEREKVKTVPLHLEEDIRPEMKEDIHDPTYQDEEGPPPKLEYVWRNIILMVLLHLGGLYGIILVPSCKLYTCLFGIF
YYMTSALGITAGAHRLWSHRTYKARLPLRIFLIIANTMAFQNDVYEWARDHRAHHKFSETHADPHNSRRGFFFSHVGWLL
VRKHPAVKEKGGKLDMSDLKAEKLVMFQRRYYKPGLLLMCFILPTLVPWYCWGETFVNSLFVSTFLRYTLVLNATWLVNS
AAHLYGYRPYDKNIQSRENILVSLGAVGEGFHNYHHTFPFDYSASEYRWHINFTTFFIDCMAALGLAYDRKKVSKATVLA
RIKRTGDGSHKSSENLYFQ
;
_entity_poly.pdbx_strand_id   A,D
#
loop_
_chem_comp.id
_chem_comp.type
_chem_comp.name
_chem_comp.formula
MPG non-polymer '[(Z)-octadec-9-enyl] (2R)-2,3-bis(oxidanyl)propanoate' 'C21 H40 O4'
ST9 non-polymer 'STEAROYL-COENZYME A' 'C39 H70 N7 O17 P3 S'
ZN non-polymer 'ZINC ION' 'Zn 2'
#
# COMPACT_ATOMS: atom_id res chain seq x y z
N GLU A 18 5.74 -23.36 14.85
CA GLU A 18 5.49 -24.68 14.27
C GLU A 18 6.43 -24.97 13.10
N ASP A 19 6.38 -26.20 12.62
CA ASP A 19 7.23 -26.63 11.50
C ASP A 19 6.42 -26.71 10.22
N ILE A 20 6.35 -25.61 9.48
CA ILE A 20 5.53 -25.54 8.28
C ILE A 20 6.32 -25.94 7.04
N ARG A 21 7.64 -26.04 7.18
CA ARG A 21 8.49 -26.46 6.07
C ARG A 21 9.60 -27.40 6.55
N PRO A 22 9.25 -28.67 6.79
CA PRO A 22 10.21 -29.67 7.28
C PRO A 22 11.06 -30.29 6.16
N GLU A 23 10.68 -30.02 4.91
CA GLU A 23 11.37 -30.61 3.75
C GLU A 23 12.78 -30.03 3.58
N MET A 24 13.02 -28.89 4.22
CA MET A 24 14.27 -28.15 4.05
C MET A 24 14.62 -27.42 5.34
N LYS A 25 15.88 -27.52 5.76
CA LYS A 25 16.33 -26.89 6.99
C LYS A 25 17.77 -26.40 6.90
N GLU A 26 18.26 -26.25 5.68
CA GLU A 26 19.64 -25.82 5.47
C GLU A 26 19.74 -24.29 5.44
N ASP A 27 18.65 -23.62 5.80
CA ASP A 27 18.64 -22.16 5.86
C ASP A 27 18.25 -21.67 7.26
N ILE A 28 18.15 -22.61 8.19
CA ILE A 28 17.82 -22.26 9.57
C ILE A 28 19.06 -21.73 10.27
N HIS A 29 18.93 -20.59 10.94
CA HIS A 29 20.05 -19.96 11.62
C HIS A 29 20.62 -20.84 12.72
N ASP A 30 21.94 -21.01 12.71
CA ASP A 30 22.61 -21.81 13.72
C ASP A 30 23.46 -20.92 14.64
N PRO A 31 22.90 -20.55 15.80
CA PRO A 31 23.56 -19.66 16.75
C PRO A 31 24.78 -20.31 17.40
N THR A 32 24.87 -21.64 17.32
CA THR A 32 25.98 -22.38 17.91
C THR A 32 27.31 -22.01 17.26
N TYR A 33 27.31 -21.89 15.93
CA TYR A 33 28.55 -21.61 15.22
C TYR A 33 28.99 -20.16 15.39
N GLN A 34 30.25 -19.97 15.78
CA GLN A 34 30.83 -18.65 15.93
C GLN A 34 32.27 -18.65 15.41
N ASP A 35 32.85 -17.47 15.28
CA ASP A 35 34.23 -17.34 14.83
C ASP A 35 35.19 -17.59 15.99
N GLU A 36 35.88 -18.73 15.96
CA GLU A 36 36.80 -19.09 17.02
C GLU A 36 38.05 -19.81 16.48
N GLU A 37 38.49 -19.42 15.29
CA GLU A 37 39.66 -20.02 14.68
C GLU A 37 40.87 -19.08 14.73
N GLY A 38 40.79 -18.08 15.61
CA GLY A 38 41.88 -17.12 15.76
C GLY A 38 41.74 -15.92 14.86
N PRO A 39 42.83 -15.16 14.68
CA PRO A 39 42.83 -13.95 13.84
C PRO A 39 42.57 -14.26 12.37
N PRO A 40 41.64 -13.50 11.74
CA PRO A 40 41.30 -13.73 10.34
C PRO A 40 42.43 -13.34 9.39
N PRO A 41 42.62 -14.11 8.31
CA PRO A 41 43.65 -13.83 7.32
C PRO A 41 43.33 -12.58 6.50
N LYS A 42 44.35 -11.95 5.93
CA LYS A 42 44.15 -10.75 5.12
C LYS A 42 43.37 -11.08 3.85
N LEU A 43 42.72 -10.08 3.28
CA LEU A 43 41.93 -10.27 2.07
C LEU A 43 42.84 -10.46 0.86
N GLU A 44 42.44 -11.36 -0.03
CA GLU A 44 43.19 -11.62 -1.25
C GLU A 44 42.42 -11.08 -2.46
N TYR A 45 42.93 -10.01 -3.05
CA TYR A 45 42.23 -9.33 -4.14
C TYR A 45 42.16 -10.17 -5.41
N VAL A 46 41.03 -10.08 -6.10
CA VAL A 46 40.88 -10.70 -7.41
C VAL A 46 40.77 -9.59 -8.45
N TRP A 47 41.91 -9.25 -9.06
CA TRP A 47 42.01 -8.06 -9.90
C TRP A 47 41.17 -8.14 -11.18
N ARG A 48 40.95 -9.35 -11.69
CA ARG A 48 40.07 -9.51 -12.85
C ARG A 48 38.67 -9.00 -12.53
N ASN A 49 38.15 -9.37 -11.38
CA ASN A 49 36.82 -8.95 -10.95
C ASN A 49 36.78 -7.46 -10.66
N ILE A 50 37.85 -6.94 -10.07
CA ILE A 50 37.93 -5.52 -9.72
C ILE A 50 37.85 -4.65 -10.96
N ILE A 51 38.62 -5.01 -11.98
CA ILE A 51 38.66 -4.25 -13.23
C ILE A 51 37.30 -4.26 -13.93
N LEU A 52 36.72 -5.45 -14.04
CA LEU A 52 35.43 -5.60 -14.73
C LEU A 52 34.31 -4.86 -14.00
N MET A 53 34.36 -4.87 -12.67
CA MET A 53 33.32 -4.23 -11.87
C MET A 53 33.41 -2.71 -11.99
N VAL A 54 34.63 -2.21 -12.11
CA VAL A 54 34.85 -0.77 -12.28
C VAL A 54 34.35 -0.32 -13.65
N LEU A 55 34.72 -1.07 -14.69
CA LEU A 55 34.30 -0.74 -16.05
C LEU A 55 32.79 -0.80 -16.22
N LEU A 56 32.14 -1.70 -15.48
CA LEU A 56 30.69 -1.86 -15.56
C LEU A 56 29.97 -0.63 -15.00
N HIS A 57 30.43 -0.16 -13.84
CA HIS A 57 29.80 0.99 -13.19
C HIS A 57 30.13 2.29 -13.91
N LEU A 58 31.27 2.32 -14.60
CA LEU A 58 31.62 3.46 -15.42
C LEU A 58 30.68 3.54 -16.62
N GLY A 59 30.41 2.39 -17.22
CA GLY A 59 29.49 2.30 -18.35
C GLY A 59 28.06 2.59 -17.94
N GLY A 60 27.70 2.20 -16.72
CA GLY A 60 26.38 2.46 -16.18
C GLY A 60 26.18 3.94 -15.90
N LEU A 61 27.22 4.59 -15.39
CA LEU A 61 27.17 6.02 -15.12
C LEU A 61 27.02 6.78 -16.43
N TYR A 62 27.71 6.31 -17.47
CA TYR A 62 27.62 6.90 -18.80
C TYR A 62 26.23 6.70 -19.38
N GLY A 63 25.56 5.62 -18.97
CA GLY A 63 24.21 5.35 -19.40
C GLY A 63 23.23 6.35 -18.83
N ILE A 64 23.46 6.77 -17.58
CA ILE A 64 22.61 7.74 -16.91
C ILE A 64 22.55 9.05 -17.68
N ILE A 65 23.71 9.51 -18.16
CA ILE A 65 23.77 10.76 -18.88
C ILE A 65 23.31 10.56 -20.33
N LEU A 66 23.01 9.32 -20.69
CA LEU A 66 22.51 8.99 -22.01
C LEU A 66 20.99 8.78 -22.02
N VAL A 67 20.41 8.66 -20.83
CA VAL A 67 18.97 8.44 -20.69
C VAL A 67 18.10 9.52 -21.36
N PRO A 68 18.42 10.82 -21.15
CA PRO A 68 17.55 11.83 -21.77
C PRO A 68 17.55 11.81 -23.31
N SER A 69 18.53 11.14 -23.91
CA SER A 69 18.60 11.07 -25.37
C SER A 69 18.05 9.75 -25.90
N CYS A 70 17.56 8.91 -24.99
CA CYS A 70 16.98 7.62 -25.36
C CYS A 70 15.51 7.76 -25.75
N LYS A 71 15.04 6.83 -26.56
CA LYS A 71 13.63 6.77 -26.92
C LYS A 71 12.81 6.26 -25.75
N LEU A 72 11.49 6.47 -25.81
CA LEU A 72 10.61 6.07 -24.73
C LEU A 72 10.60 4.55 -24.55
N TYR A 73 10.53 3.82 -25.66
CA TYR A 73 10.50 2.36 -25.62
C TYR A 73 11.75 1.78 -25.00
N THR A 74 12.89 2.43 -25.23
CA THR A 74 14.15 2.00 -24.66
C THR A 74 14.10 2.07 -23.14
N CYS A 75 13.54 3.15 -22.62
CA CYS A 75 13.41 3.33 -21.18
C CYS A 75 12.41 2.35 -20.59
N LEU A 76 11.33 2.09 -21.31
CA LEU A 76 10.31 1.14 -20.88
C LEU A 76 10.84 -0.29 -20.91
N PHE A 77 11.62 -0.60 -21.94
CA PHE A 77 12.19 -1.93 -22.09
C PHE A 77 13.19 -2.19 -20.97
N GLY A 78 13.90 -1.15 -20.56
CA GLY A 78 14.84 -1.25 -19.46
C GLY A 78 14.16 -1.57 -18.14
N ILE A 79 13.01 -0.93 -17.91
CA ILE A 79 12.24 -1.17 -16.70
C ILE A 79 11.70 -2.59 -16.71
N PHE A 80 11.14 -2.99 -17.85
CA PHE A 80 10.63 -4.33 -18.02
C PHE A 80 11.71 -5.40 -17.77
N TYR A 81 12.89 -5.15 -18.31
CA TYR A 81 14.00 -6.10 -18.17
C TYR A 81 14.50 -6.10 -16.72
N TYR A 82 14.38 -4.95 -16.07
CA TYR A 82 14.73 -4.84 -14.65
C TYR A 82 13.79 -5.69 -13.80
N MET A 83 12.49 -5.51 -14.02
CA MET A 83 11.48 -6.21 -13.24
C MET A 83 11.52 -7.72 -13.48
N THR A 84 11.72 -8.13 -14.73
CA THR A 84 11.78 -9.53 -15.08
C THR A 84 13.00 -10.21 -14.46
N SER A 85 14.15 -9.54 -14.57
CA SER A 85 15.39 -10.05 -13.97
C SER A 85 15.25 -10.13 -12.46
N ALA A 86 14.54 -9.16 -11.89
CA ALA A 86 14.31 -9.11 -10.45
C ALA A 86 13.56 -10.35 -9.98
N LEU A 87 12.54 -10.74 -10.74
CA LEU A 87 11.74 -11.91 -10.40
C LEU A 87 12.57 -13.19 -10.51
N GLY A 88 13.55 -13.19 -11.41
CA GLY A 88 14.46 -14.32 -11.55
C GLY A 88 15.29 -14.56 -10.31
N ILE A 89 15.56 -13.49 -9.56
CA ILE A 89 16.31 -13.60 -8.33
C ILE A 89 15.37 -13.85 -7.15
N THR A 90 14.39 -12.95 -6.97
CA THR A 90 13.51 -13.00 -5.81
C THR A 90 12.55 -14.20 -5.83
N ALA A 91 11.73 -14.29 -6.86
CA ALA A 91 10.74 -15.37 -6.95
C ALA A 91 11.41 -16.71 -7.24
N GLY A 92 12.54 -16.67 -7.93
CA GLY A 92 13.22 -17.89 -8.34
C GLY A 92 14.37 -18.32 -7.46
N ALA A 93 15.53 -17.69 -7.65
CA ALA A 93 16.75 -18.06 -6.92
C ALA A 93 16.57 -17.99 -5.41
N HIS A 94 15.81 -17.00 -4.95
CA HIS A 94 15.66 -16.74 -3.53
C HIS A 94 14.57 -17.60 -2.89
N ARG A 95 13.32 -17.23 -3.10
CA ARG A 95 12.20 -17.84 -2.41
C ARG A 95 11.89 -19.27 -2.85
N LEU A 96 12.22 -19.60 -4.10
CA LEU A 96 11.87 -20.91 -4.63
C LEU A 96 12.98 -21.95 -4.44
N TRP A 97 14.17 -21.65 -4.93
CA TRP A 97 15.24 -22.65 -4.95
C TRP A 97 16.16 -22.61 -3.72
N SER A 98 16.31 -21.45 -3.10
CA SER A 98 17.14 -21.35 -1.89
C SER A 98 16.39 -21.78 -0.64
N HIS A 99 15.10 -21.43 -0.58
CA HIS A 99 14.33 -21.62 0.64
C HIS A 99 13.18 -22.64 0.52
N ARG A 100 12.82 -22.98 -0.71
CA ARG A 100 11.77 -23.97 -0.97
C ARG A 100 10.45 -23.61 -0.29
N THR A 101 10.08 -22.33 -0.35
CA THR A 101 8.91 -21.83 0.36
C THR A 101 7.61 -22.05 -0.40
N TYR A 102 7.72 -22.47 -1.66
CA TYR A 102 6.55 -22.86 -2.43
C TYR A 102 6.97 -23.78 -3.57
N LYS A 103 5.99 -24.36 -4.25
CA LYS A 103 6.26 -25.24 -5.37
C LYS A 103 5.79 -24.61 -6.67
N ALA A 104 6.64 -24.65 -7.68
CA ALA A 104 6.32 -24.09 -9.00
C ALA A 104 6.33 -25.20 -10.04
N ARG A 105 5.43 -25.11 -11.01
CA ARG A 105 5.38 -26.09 -12.09
C ARG A 105 6.30 -25.65 -13.22
N LEU A 106 6.58 -26.59 -14.13
CA LEU A 106 7.59 -26.39 -15.17
C LEU A 106 7.47 -25.09 -15.99
N PRO A 107 6.27 -24.72 -16.45
CA PRO A 107 6.19 -23.48 -17.22
C PRO A 107 6.67 -22.24 -16.46
N LEU A 108 6.37 -22.17 -15.17
CA LEU A 108 6.82 -21.05 -14.35
C LEU A 108 8.31 -21.14 -14.08
N ARG A 109 8.78 -22.35 -13.80
CA ARG A 109 10.19 -22.58 -13.53
C ARG A 109 11.05 -22.29 -14.76
N ILE A 110 10.49 -22.55 -15.94
CA ILE A 110 11.18 -22.22 -17.19
C ILE A 110 11.32 -20.70 -17.29
N PHE A 111 10.25 -19.98 -16.97
CA PHE A 111 10.28 -18.53 -16.97
C PHE A 111 11.31 -17.99 -15.98
N LEU A 112 11.30 -18.54 -14.77
CA LEU A 112 12.19 -18.05 -13.70
C LEU A 112 13.66 -18.35 -13.99
N ILE A 113 13.93 -19.49 -14.64
CA ILE A 113 15.31 -19.87 -14.90
C ILE A 113 15.86 -19.03 -16.05
N ILE A 114 14.97 -18.58 -16.95
CA ILE A 114 15.37 -17.69 -18.03
C ILE A 114 15.56 -16.29 -17.45
N ALA A 115 14.62 -15.87 -16.60
CA ALA A 115 14.69 -14.56 -15.96
C ALA A 115 15.94 -14.44 -15.07
N ASN A 116 16.26 -15.51 -14.36
CA ASN A 116 17.44 -15.54 -13.50
C ASN A 116 18.72 -15.37 -14.32
N THR A 117 18.73 -15.98 -15.51
CA THR A 117 19.88 -15.91 -16.39
C THR A 117 20.10 -14.49 -16.89
N MET A 118 19.01 -13.73 -17.04
CA MET A 118 19.10 -12.33 -17.42
C MET A 118 19.80 -11.52 -16.34
N ALA A 119 19.62 -11.92 -15.08
CA ALA A 119 20.08 -11.15 -13.94
C ALA A 119 21.58 -11.27 -13.71
N PHE A 120 22.16 -12.38 -14.18
CA PHE A 120 23.60 -12.62 -14.10
C PHE A 120 24.15 -12.42 -12.68
N GLN A 121 23.73 -13.30 -11.77
CA GLN A 121 24.24 -13.29 -10.41
C GLN A 121 24.72 -14.69 -10.05
N ASN A 122 25.44 -15.30 -10.99
CA ASN A 122 25.84 -16.72 -10.93
C ASN A 122 24.63 -17.62 -11.07
N ASP A 123 24.86 -18.87 -11.47
CA ASP A 123 23.77 -19.83 -11.64
C ASP A 123 23.04 -20.06 -10.31
N VAL A 124 21.84 -20.61 -10.39
CA VAL A 124 20.99 -20.83 -9.23
C VAL A 124 21.70 -21.65 -8.15
N TYR A 125 22.36 -22.74 -8.57
CA TYR A 125 23.03 -23.64 -7.64
C TYR A 125 24.09 -22.90 -6.81
N GLU A 126 24.90 -22.11 -7.48
CA GLU A 126 25.94 -21.33 -6.79
C GLU A 126 25.32 -20.26 -5.92
N TRP A 127 24.25 -19.64 -6.42
CA TRP A 127 23.55 -18.57 -5.73
C TRP A 127 22.94 -19.09 -4.42
N ALA A 128 22.27 -20.23 -4.50
CA ALA A 128 21.58 -20.80 -3.35
C ALA A 128 22.56 -21.38 -2.34
N ARG A 129 23.70 -21.87 -2.81
CA ARG A 129 24.70 -22.45 -1.93
C ARG A 129 25.31 -21.39 -1.03
N ASP A 130 25.55 -20.21 -1.58
CA ASP A 130 26.05 -19.08 -0.79
C ASP A 130 24.97 -18.57 0.14
N HIS A 131 23.74 -18.56 -0.35
CA HIS A 131 22.63 -17.96 0.40
C HIS A 131 22.24 -18.77 1.62
N ARG A 132 22.22 -20.09 1.47
CA ARG A 132 21.93 -20.97 2.60
C ARG A 132 23.01 -20.81 3.68
N ALA A 133 24.26 -20.64 3.24
CA ALA A 133 25.35 -20.38 4.17
C ALA A 133 25.20 -19.01 4.81
N HIS A 134 24.63 -18.08 4.05
CA HIS A 134 24.38 -16.72 4.53
C HIS A 134 23.33 -16.69 5.64
N HIS A 135 22.41 -17.67 5.62
CA HIS A 135 21.35 -17.74 6.61
C HIS A 135 21.76 -18.56 7.84
N LYS A 136 22.37 -19.71 7.60
CA LYS A 136 22.80 -20.59 8.69
C LYS A 136 23.84 -19.91 9.58
N PHE A 137 24.88 -19.36 8.95
CA PHE A 137 26.01 -18.81 9.69
C PHE A 137 26.14 -17.31 9.50
N SER A 138 25.00 -16.62 9.58
CA SER A 138 24.93 -15.18 9.40
C SER A 138 25.89 -14.44 10.34
N GLU A 139 26.47 -13.35 9.84
CA GLU A 139 27.40 -12.51 10.60
C GLU A 139 28.62 -13.26 11.12
N THR A 140 29.04 -14.29 10.38
CA THR A 140 30.28 -14.99 10.69
C THR A 140 31.15 -15.08 9.43
N HIS A 141 32.33 -15.68 9.57
CA HIS A 141 33.24 -15.82 8.44
C HIS A 141 32.74 -16.85 7.43
N ALA A 142 31.72 -17.62 7.81
CA ALA A 142 31.10 -18.57 6.90
C ALA A 142 30.01 -17.90 6.08
N ASP A 143 29.70 -16.65 6.43
CA ASP A 143 28.75 -15.85 5.66
C ASP A 143 29.48 -15.11 4.53
N PRO A 144 29.17 -15.47 3.28
CA PRO A 144 29.82 -14.92 2.09
C PRO A 144 29.84 -13.39 2.05
N HIS A 145 28.78 -12.76 2.56
CA HIS A 145 28.74 -11.30 2.63
C HIS A 145 28.64 -10.82 4.06
N ASN A 146 29.54 -11.33 4.90
CA ASN A 146 29.59 -10.99 6.32
C ASN A 146 29.53 -9.49 6.58
N SER A 147 28.39 -9.02 7.07
CA SER A 147 28.15 -7.59 7.28
C SER A 147 29.01 -7.02 8.40
N ARG A 148 29.62 -7.89 9.19
CA ARG A 148 30.53 -7.45 10.25
C ARG A 148 31.78 -6.77 9.69
N ARG A 149 32.09 -7.07 8.43
CA ARG A 149 33.27 -6.49 7.79
C ARG A 149 33.00 -5.08 7.26
N GLY A 150 31.76 -4.64 7.40
CA GLY A 150 31.41 -3.28 7.00
C GLY A 150 30.46 -3.20 5.81
N PHE A 151 30.11 -1.97 5.44
CA PHE A 151 29.16 -1.74 4.36
C PHE A 151 29.73 -2.14 3.01
N PHE A 152 30.96 -1.74 2.74
CA PHE A 152 31.57 -1.98 1.43
C PHE A 152 31.73 -3.46 1.12
N PHE A 153 32.21 -4.23 2.10
CA PHE A 153 32.42 -5.65 1.90
C PHE A 153 31.12 -6.38 1.60
N SER A 154 30.09 -6.10 2.40
CA SER A 154 28.82 -6.80 2.24
C SER A 154 28.07 -6.34 1.00
N HIS A 155 28.43 -5.16 0.50
CA HIS A 155 27.78 -4.62 -0.69
C HIS A 155 28.35 -5.18 -1.98
N VAL A 156 29.67 -5.06 -2.15
CA VAL A 156 30.31 -5.49 -3.39
C VAL A 156 31.70 -6.05 -3.14
N GLY A 157 32.31 -5.65 -2.01
CA GLY A 157 33.66 -6.03 -1.68
C GLY A 157 33.95 -7.51 -1.68
N TRP A 158 32.96 -8.31 -1.30
CA TRP A 158 33.12 -9.76 -1.23
C TRP A 158 33.19 -10.40 -2.60
N LEU A 159 32.76 -9.65 -3.62
CA LEU A 159 32.83 -10.13 -4.99
C LEU A 159 34.19 -9.84 -5.63
N LEU A 160 35.04 -9.15 -4.88
CA LEU A 160 36.33 -8.72 -5.40
C LEU A 160 37.50 -9.41 -4.71
N VAL A 161 37.20 -10.21 -3.68
CA VAL A 161 38.24 -10.90 -2.92
C VAL A 161 37.94 -12.39 -2.80
N ARG A 162 38.92 -13.15 -2.35
CA ARG A 162 38.75 -14.59 -2.13
C ARG A 162 37.90 -14.85 -0.90
N LYS A 163 37.03 -15.85 -0.98
CA LYS A 163 36.17 -16.22 0.14
C LYS A 163 36.97 -16.75 1.31
N HIS A 164 36.49 -16.49 2.52
CA HIS A 164 37.09 -17.04 3.73
C HIS A 164 36.91 -18.55 3.71
N PRO A 165 37.92 -19.30 4.16
CA PRO A 165 37.90 -20.76 4.18
C PRO A 165 36.68 -21.36 4.88
N ALA A 166 36.08 -20.62 5.81
CA ALA A 166 34.92 -21.10 6.54
C ALA A 166 33.71 -21.23 5.63
N VAL A 167 33.63 -20.35 4.62
CA VAL A 167 32.54 -20.40 3.66
C VAL A 167 32.55 -21.74 2.92
N LYS A 168 33.75 -22.16 2.52
CA LYS A 168 33.91 -23.40 1.77
C LYS A 168 33.68 -24.62 2.67
N GLU A 169 34.22 -24.57 3.88
CA GLU A 169 34.13 -25.70 4.80
C GLU A 169 32.73 -25.89 5.35
N LYS A 170 32.16 -24.85 5.94
CA LYS A 170 30.83 -24.91 6.53
C LYS A 170 29.77 -25.04 5.45
N GLY A 171 29.91 -24.26 4.39
CA GLY A 171 28.98 -24.31 3.28
C GLY A 171 28.99 -25.64 2.56
N GLY A 172 30.14 -26.30 2.56
CA GLY A 172 30.31 -27.58 1.91
C GLY A 172 29.57 -28.70 2.62
N LYS A 173 29.16 -28.45 3.86
CA LYS A 173 28.44 -29.44 4.65
C LYS A 173 26.93 -29.25 4.52
N LEU A 174 26.52 -28.23 3.76
CA LEU A 174 25.11 -27.98 3.52
C LEU A 174 24.54 -28.96 2.51
N ASP A 175 23.28 -29.34 2.71
CA ASP A 175 22.61 -30.24 1.78
C ASP A 175 22.14 -29.47 0.55
N MET A 176 22.65 -29.83 -0.62
CA MET A 176 22.27 -29.19 -1.87
C MET A 176 21.67 -30.21 -2.82
N SER A 177 21.31 -31.38 -2.30
CA SER A 177 20.83 -32.49 -3.11
C SER A 177 19.49 -32.20 -3.77
N ASP A 178 18.72 -31.30 -3.17
CA ASP A 178 17.41 -30.93 -3.73
C ASP A 178 17.59 -30.21 -5.07
N LEU A 179 18.65 -29.41 -5.17
CA LEU A 179 18.92 -28.67 -6.40
C LEU A 179 19.70 -29.53 -7.40
N LYS A 180 20.50 -30.46 -6.88
CA LYS A 180 21.22 -31.39 -7.73
C LYS A 180 20.26 -32.30 -8.48
N ALA A 181 19.12 -32.59 -7.86
CA ALA A 181 18.15 -33.53 -8.42
C ALA A 181 17.17 -32.85 -9.36
N GLU A 182 17.21 -31.52 -9.42
CA GLU A 182 16.34 -30.78 -10.31
C GLU A 182 17.02 -30.56 -11.65
N LYS A 183 16.47 -31.17 -12.69
CA LYS A 183 17.09 -31.19 -14.01
C LYS A 183 17.22 -29.80 -14.63
N LEU A 184 16.24 -28.93 -14.34
CA LEU A 184 16.24 -27.59 -14.90
C LEU A 184 17.35 -26.73 -14.33
N VAL A 185 17.60 -26.89 -13.03
CA VAL A 185 18.65 -26.14 -12.35
C VAL A 185 20.02 -26.56 -12.88
N MET A 186 20.22 -27.86 -13.02
CA MET A 186 21.47 -28.39 -13.53
C MET A 186 21.67 -28.07 -15.00
N PHE A 187 20.56 -27.88 -15.71
CA PHE A 187 20.59 -27.50 -17.12
C PHE A 187 21.15 -26.09 -17.28
N GLN A 188 20.70 -25.18 -16.41
CA GLN A 188 21.18 -23.81 -16.43
C GLN A 188 22.67 -23.75 -16.11
N ARG A 189 23.08 -24.51 -15.10
CA ARG A 189 24.46 -24.54 -14.65
C ARG A 189 25.39 -25.00 -15.77
N ARG A 190 24.95 -25.98 -16.54
CA ARG A 190 25.76 -26.55 -17.62
C ARG A 190 25.93 -25.55 -18.76
N TYR A 191 24.87 -24.81 -19.07
CA TYR A 191 24.90 -23.86 -20.18
C TYR A 191 24.78 -22.42 -19.71
N TYR A 192 25.41 -22.10 -18.59
CA TYR A 192 25.26 -20.76 -18.01
C TYR A 192 26.02 -19.68 -18.78
N LYS A 193 27.21 -20.01 -19.27
CA LYS A 193 28.02 -19.04 -19.99
C LYS A 193 27.34 -18.52 -21.27
N PRO A 194 26.88 -19.43 -22.16
CA PRO A 194 26.21 -18.88 -23.35
C PRO A 194 24.89 -18.21 -23.00
N GLY A 195 24.26 -18.64 -21.91
CA GLY A 195 23.00 -18.09 -21.49
C GLY A 195 23.10 -16.65 -21.01
N LEU A 196 24.06 -16.39 -20.13
CA LEU A 196 24.21 -15.06 -19.55
C LEU A 196 24.64 -14.04 -20.60
N LEU A 197 25.45 -14.48 -21.55
CA LEU A 197 25.90 -13.61 -22.63
C LEU A 197 24.72 -13.16 -23.47
N LEU A 198 23.83 -14.12 -23.78
CA LEU A 198 22.67 -13.83 -24.60
C LEU A 198 21.64 -12.99 -23.86
N MET A 199 21.25 -13.42 -22.66
CA MET A 199 20.12 -12.83 -21.95
C MET A 199 20.45 -11.53 -21.22
N CYS A 200 21.71 -11.33 -20.85
CA CYS A 200 22.08 -10.16 -20.06
C CYS A 200 22.79 -9.08 -20.87
N PHE A 201 23.37 -9.45 -22.00
CA PHE A 201 24.16 -8.51 -22.79
C PHE A 201 23.71 -8.38 -24.24
N ILE A 202 23.67 -9.50 -24.96
CA ILE A 202 23.39 -9.48 -26.39
C ILE A 202 21.95 -9.09 -26.70
N LEU A 203 21.00 -9.88 -26.20
CA LEU A 203 19.59 -9.66 -26.50
C LEU A 203 19.05 -8.29 -26.02
N PRO A 204 19.34 -7.89 -24.77
CA PRO A 204 18.79 -6.58 -24.39
C PRO A 204 19.46 -5.39 -25.08
N THR A 205 20.49 -5.66 -25.89
CA THR A 205 21.13 -4.62 -26.67
C THR A 205 20.59 -4.57 -28.10
N LEU A 206 20.40 -5.76 -28.69
CA LEU A 206 19.93 -5.86 -30.06
C LEU A 206 18.44 -5.53 -30.19
N VAL A 207 17.66 -5.85 -29.17
CA VAL A 207 16.21 -5.65 -29.23
C VAL A 207 15.86 -4.16 -29.40
N PRO A 208 16.41 -3.26 -28.57
CA PRO A 208 16.09 -1.85 -28.84
C PRO A 208 16.70 -1.36 -30.14
N TRP A 209 17.83 -1.94 -30.54
CA TRP A 209 18.54 -1.55 -31.74
C TRP A 209 17.72 -1.85 -33.00
N TYR A 210 16.99 -2.97 -32.98
CA TYR A 210 16.24 -3.42 -34.15
C TYR A 210 14.77 -3.04 -34.13
N CYS A 211 14.13 -3.20 -32.98
CA CYS A 211 12.67 -3.10 -32.93
C CYS A 211 12.13 -1.68 -33.04
N TRP A 212 12.79 -0.70 -32.42
CA TRP A 212 12.33 0.67 -32.53
C TRP A 212 13.45 1.67 -32.86
N GLY A 213 14.48 1.18 -33.54
CA GLY A 213 15.52 2.04 -34.08
C GLY A 213 16.35 2.85 -33.11
N GLU A 214 16.57 2.31 -31.91
CA GLU A 214 17.45 2.94 -30.95
C GLU A 214 18.90 2.83 -31.43
N THR A 215 19.73 3.82 -31.11
CA THR A 215 21.14 3.77 -31.50
C THR A 215 21.86 2.67 -30.70
N PHE A 216 22.93 2.15 -31.27
CA PHE A 216 23.65 1.05 -30.63
C PHE A 216 24.31 1.48 -29.33
N VAL A 217 24.74 2.74 -29.28
CA VAL A 217 25.40 3.27 -28.09
C VAL A 217 24.41 3.34 -26.93
N ASN A 218 23.22 3.87 -27.19
CA ASN A 218 22.19 3.98 -26.16
C ASN A 218 21.74 2.61 -25.68
N SER A 219 21.53 1.69 -26.61
CA SER A 219 21.09 0.34 -26.27
C SER A 219 22.11 -0.39 -25.42
N LEU A 220 23.40 -0.13 -25.69
CA LEU A 220 24.47 -0.81 -24.99
C LEU A 220 24.65 -0.29 -23.56
N PHE A 221 24.64 1.03 -23.40
CA PHE A 221 24.95 1.64 -22.11
C PHE A 221 23.73 1.81 -21.22
N VAL A 222 22.55 1.95 -21.81
CA VAL A 222 21.33 2.16 -21.03
C VAL A 222 20.56 0.85 -20.85
N SER A 223 20.24 0.21 -21.97
CA SER A 223 19.40 -1.00 -21.94
C SER A 223 20.15 -2.23 -21.48
N THR A 224 21.46 -2.09 -21.26
CA THR A 224 22.27 -3.23 -20.84
C THR A 224 23.16 -2.89 -19.64
N PHE A 225 24.10 -1.96 -19.83
CA PHE A 225 25.05 -1.63 -18.78
C PHE A 225 24.39 -0.98 -17.56
N LEU A 226 23.65 0.09 -17.78
CA LEU A 226 22.98 0.78 -16.68
C LEU A 226 21.95 -0.12 -16.00
N ARG A 227 21.17 -0.84 -16.80
CA ARG A 227 20.13 -1.72 -16.29
C ARG A 227 20.73 -2.80 -15.40
N TYR A 228 21.74 -3.49 -15.90
CA TYR A 228 22.39 -4.56 -15.17
C TYR A 228 23.05 -4.03 -13.90
N THR A 229 23.62 -2.83 -13.98
CA THR A 229 24.24 -2.18 -12.83
C THR A 229 23.20 -1.89 -11.76
N LEU A 230 22.02 -1.43 -12.18
CA LEU A 230 20.95 -1.10 -11.25
C LEU A 230 20.40 -2.35 -10.57
N VAL A 231 20.28 -3.44 -11.32
CA VAL A 231 19.79 -4.70 -10.75
C VAL A 231 20.76 -5.20 -9.69
N LEU A 232 22.05 -5.12 -9.98
CA LEU A 232 23.09 -5.57 -9.05
C LEU A 232 23.04 -4.79 -7.73
N ASN A 233 23.10 -3.47 -7.82
CA ASN A 233 23.17 -2.63 -6.63
C ASN A 233 21.89 -2.70 -5.80
N ALA A 234 20.75 -2.83 -6.48
CA ALA A 234 19.48 -3.00 -5.78
C ALA A 234 19.48 -4.31 -4.99
N THR A 235 20.07 -5.35 -5.59
CA THR A 235 20.20 -6.64 -4.94
C THR A 235 21.18 -6.54 -3.76
N TRP A 236 22.30 -5.88 -4.01
CA TRP A 236 23.37 -5.75 -3.02
C TRP A 236 22.92 -4.97 -1.78
N LEU A 237 21.93 -4.10 -1.94
CA LEU A 237 21.41 -3.31 -0.83
C LEU A 237 20.74 -4.19 0.23
N VAL A 238 20.35 -5.40 -0.18
CA VAL A 238 19.75 -6.35 0.74
C VAL A 238 20.82 -6.93 1.66
N ASN A 239 22.06 -6.97 1.18
CA ASN A 239 23.17 -7.50 1.96
C ASN A 239 23.84 -6.43 2.83
N SER A 240 23.85 -5.19 2.34
CA SER A 240 24.52 -4.11 3.06
C SER A 240 23.54 -3.29 3.90
N ALA A 241 22.69 -2.50 3.23
CA ALA A 241 21.77 -1.60 3.92
C ALA A 241 20.79 -2.34 4.82
N ALA A 242 20.28 -3.47 4.36
CA ALA A 242 19.30 -4.25 5.11
C ALA A 242 19.95 -5.02 6.27
N HIS A 243 21.26 -4.83 6.45
CA HIS A 243 21.96 -5.42 7.59
C HIS A 243 22.56 -4.34 8.48
N LEU A 244 22.15 -3.10 8.26
CA LEU A 244 22.70 -1.97 9.02
C LEU A 244 21.64 -0.95 9.41
N TYR A 245 20.78 -0.58 8.47
CA TYR A 245 19.80 0.47 8.70
C TYR A 245 18.36 -0.05 8.69
N GLY A 246 17.59 0.35 9.69
CA GLY A 246 16.20 -0.06 9.79
C GLY A 246 15.82 -0.55 11.17
N TYR A 247 14.57 -0.96 11.32
CA TYR A 247 14.07 -1.47 12.60
C TYR A 247 14.13 -2.99 12.65
N ARG A 248 13.98 -3.54 13.84
CA ARG A 248 13.99 -4.99 14.04
C ARG A 248 12.80 -5.43 14.89
N PRO A 249 11.59 -5.36 14.32
CA PRO A 249 10.34 -5.61 15.06
C PRO A 249 10.14 -7.06 15.46
N TYR A 250 10.86 -7.98 14.82
CA TYR A 250 10.64 -9.41 15.06
C TYR A 250 11.76 -10.03 15.88
N ASP A 251 12.99 -9.59 15.65
CA ASP A 251 14.13 -10.09 16.41
C ASP A 251 15.24 -9.04 16.47
N LYS A 252 15.48 -8.51 17.66
CA LYS A 252 16.48 -7.47 17.87
C LYS A 252 17.89 -8.06 18.02
N ASN A 253 17.95 -9.38 18.17
CA ASN A 253 19.22 -10.06 18.47
C ASN A 253 20.06 -10.31 17.22
N ILE A 254 19.46 -10.07 16.05
CA ILE A 254 20.17 -10.26 14.79
C ILE A 254 20.42 -8.89 14.15
N GLN A 255 21.14 -8.89 13.03
CA GLN A 255 21.52 -7.65 12.38
C GLN A 255 20.66 -7.35 11.16
N SER A 256 19.75 -8.27 10.85
CA SER A 256 18.82 -8.10 9.74
C SER A 256 17.82 -7.00 10.06
N ARG A 257 17.57 -6.12 9.10
CA ARG A 257 16.71 -4.96 9.33
C ARG A 257 15.58 -4.84 8.32
N GLU A 258 14.48 -4.22 8.74
CA GLU A 258 13.39 -3.86 7.85
C GLU A 258 13.71 -2.53 7.17
N ASN A 259 13.80 -2.54 5.85
CA ASN A 259 14.11 -1.32 5.12
C ASN A 259 13.12 -1.11 3.97
N ILE A 260 12.29 -0.08 4.09
CA ILE A 260 11.25 0.20 3.11
C ILE A 260 11.86 0.51 1.75
N LEU A 261 12.90 1.34 1.74
CA LEU A 261 13.55 1.76 0.50
C LEU A 261 14.15 0.57 -0.24
N VAL A 262 14.71 -0.37 0.50
CA VAL A 262 15.28 -1.58 -0.11
C VAL A 262 14.19 -2.42 -0.74
N SER A 263 13.04 -2.49 -0.07
CA SER A 263 11.88 -3.24 -0.59
C SER A 263 11.43 -2.68 -1.94
N LEU A 264 11.47 -1.36 -2.08
CA LEU A 264 11.08 -0.70 -3.32
C LEU A 264 12.01 -1.09 -4.46
N GLY A 265 13.31 -1.04 -4.19
CA GLY A 265 14.30 -1.39 -5.20
C GLY A 265 14.40 -2.88 -5.46
N ALA A 266 14.30 -3.67 -4.40
CA ALA A 266 14.46 -5.12 -4.50
C ALA A 266 13.12 -5.84 -4.52
N VAL A 267 12.13 -5.20 -5.14
CA VAL A 267 10.75 -5.70 -5.28
C VAL A 267 10.24 -6.56 -4.12
N GLY A 268 10.49 -6.13 -2.89
CA GLY A 268 9.93 -6.78 -1.73
C GLY A 268 10.90 -7.50 -0.81
N GLU A 269 12.18 -7.46 -1.11
CA GLU A 269 13.17 -8.17 -0.30
C GLU A 269 13.83 -7.26 0.73
N GLY A 270 13.13 -6.22 1.15
CA GLY A 270 13.68 -5.29 2.11
C GLY A 270 13.23 -5.53 3.54
N PHE A 271 12.24 -6.41 3.69
CA PHE A 271 11.79 -6.82 5.02
C PHE A 271 12.70 -7.92 5.54
N HIS A 272 13.97 -7.57 5.73
CA HIS A 272 15.01 -8.55 5.96
C HIS A 272 15.04 -9.09 7.39
N ASN A 273 14.55 -8.31 8.34
CA ASN A 273 14.47 -8.76 9.73
C ASN A 273 13.46 -9.90 9.86
N TYR A 274 12.33 -9.76 9.17
CA TYR A 274 11.32 -10.81 9.15
C TYR A 274 11.86 -12.04 8.43
N HIS A 275 12.49 -11.82 7.29
CA HIS A 275 12.95 -12.91 6.45
C HIS A 275 13.99 -13.80 7.13
N HIS A 276 14.96 -13.19 7.81
CA HIS A 276 15.97 -13.96 8.52
C HIS A 276 15.37 -14.69 9.72
N THR A 277 14.29 -14.14 10.25
CA THR A 277 13.59 -14.76 11.37
C THR A 277 12.74 -15.93 10.88
N PHE A 278 12.06 -15.72 9.75
CA PHE A 278 11.21 -16.76 9.16
C PHE A 278 11.59 -17.01 7.70
N PRO A 279 12.71 -17.70 7.46
CA PRO A 279 13.20 -17.92 6.10
C PRO A 279 12.32 -18.87 5.28
N PHE A 280 11.36 -19.52 5.94
CA PHE A 280 10.48 -20.46 5.28
C PHE A 280 9.17 -19.82 4.83
N ASP A 281 9.04 -18.51 5.04
CA ASP A 281 7.85 -17.79 4.59
C ASP A 281 8.01 -17.37 3.13
N TYR A 282 7.01 -17.69 2.32
CA TYR A 282 7.09 -17.47 0.87
C TYR A 282 6.95 -15.99 0.51
N SER A 283 6.40 -15.20 1.42
CA SER A 283 6.20 -13.78 1.17
C SER A 283 7.41 -12.97 1.61
N ALA A 284 8.25 -13.57 2.45
CA ALA A 284 9.43 -12.91 3.01
C ALA A 284 9.06 -11.62 3.75
N SER A 285 7.82 -11.57 4.23
CA SER A 285 7.30 -10.40 4.94
C SER A 285 6.05 -10.78 5.72
N GLU A 286 5.71 -9.97 6.72
CA GLU A 286 4.51 -10.20 7.51
C GLU A 286 3.26 -10.04 6.65
N TYR A 287 3.21 -8.94 5.91
CA TYR A 287 2.10 -8.68 4.99
C TYR A 287 2.48 -9.13 3.58
N ARG A 288 1.54 -9.74 2.89
CA ARG A 288 1.81 -10.35 1.60
C ARG A 288 2.13 -9.34 0.49
N TRP A 289 1.22 -8.39 0.25
CA TRP A 289 1.37 -7.49 -0.88
C TRP A 289 1.91 -6.12 -0.52
N HIS A 290 2.16 -5.89 0.76
CA HIS A 290 2.66 -4.59 1.23
C HIS A 290 4.09 -4.34 0.75
N ILE A 291 4.23 -3.51 -0.27
CA ILE A 291 5.52 -3.19 -0.88
C ILE A 291 6.25 -4.48 -1.26
N ASN A 292 5.49 -5.43 -1.81
CA ASN A 292 6.05 -6.74 -2.13
C ASN A 292 5.51 -7.22 -3.47
N PHE A 293 6.09 -6.73 -4.55
CA PHE A 293 5.68 -7.10 -5.89
C PHE A 293 5.94 -8.58 -6.17
N THR A 294 6.98 -9.12 -5.54
CA THR A 294 7.34 -10.52 -5.76
C THR A 294 6.24 -11.45 -5.29
N THR A 295 5.73 -11.21 -4.08
CA THR A 295 4.66 -12.03 -3.53
C THR A 295 3.40 -11.92 -4.37
N PHE A 296 3.14 -10.71 -4.85
CA PHE A 296 1.99 -10.47 -5.72
C PHE A 296 2.11 -11.29 -7.00
N PHE A 297 3.34 -11.38 -7.52
CA PHE A 297 3.61 -12.17 -8.71
C PHE A 297 3.36 -13.65 -8.45
N ILE A 298 3.87 -14.16 -7.34
CA ILE A 298 3.72 -15.56 -6.98
C ILE A 298 2.23 -15.90 -6.82
N ASP A 299 1.48 -15.01 -6.19
CA ASP A 299 0.06 -15.23 -5.99
C ASP A 299 -0.71 -15.24 -7.31
N CYS A 300 -0.26 -14.45 -8.27
CA CYS A 300 -0.84 -14.47 -9.61
C CYS A 300 -0.56 -15.80 -10.30
N MET A 301 0.65 -16.30 -10.14
CA MET A 301 1.03 -17.59 -10.68
C MET A 301 0.22 -18.71 -10.04
N ALA A 302 -0.09 -18.53 -8.75
CA ALA A 302 -0.89 -19.51 -8.02
C ALA A 302 -2.33 -19.51 -8.53
N ALA A 303 -2.81 -18.35 -8.95
CA ALA A 303 -4.15 -18.22 -9.49
C ALA A 303 -4.25 -18.93 -10.84
N LEU A 304 -3.15 -18.96 -11.57
CA LEU A 304 -3.10 -19.63 -12.87
C LEU A 304 -2.81 -21.13 -12.72
N GLY A 305 -2.55 -21.56 -11.50
CA GLY A 305 -2.29 -22.96 -11.22
C GLY A 305 -0.85 -23.39 -11.47
N LEU A 306 0.04 -22.41 -11.59
CA LEU A 306 1.45 -22.70 -11.85
C LEU A 306 2.26 -22.77 -10.56
N ALA A 307 1.64 -22.36 -9.45
CA ALA A 307 2.31 -22.35 -8.16
C ALA A 307 1.36 -22.76 -7.04
N TYR A 308 1.89 -23.49 -6.06
CA TYR A 308 1.09 -23.89 -4.90
C TYR A 308 1.99 -24.19 -3.71
N ASP A 309 1.39 -24.68 -2.63
CA ASP A 309 2.09 -24.98 -1.39
C ASP A 309 2.85 -23.76 -0.88
N ARG A 310 2.21 -22.59 -0.97
CA ARG A 310 2.79 -21.37 -0.45
C ARG A 310 2.76 -21.38 1.07
N LYS A 311 3.93 -21.25 1.68
CA LYS A 311 4.04 -21.38 3.13
C LYS A 311 4.14 -20.01 3.80
N LYS A 312 3.13 -19.70 4.61
CA LYS A 312 3.08 -18.44 5.34
C LYS A 312 3.06 -18.72 6.84
N VAL A 313 3.85 -17.98 7.60
CA VAL A 313 3.89 -18.14 9.04
C VAL A 313 2.58 -17.61 9.63
N SER A 314 2.01 -18.36 10.57
CA SER A 314 0.74 -17.98 11.18
C SER A 314 0.87 -16.67 11.95
N LYS A 315 -0.25 -15.98 12.14
CA LYS A 315 -0.28 -14.72 12.86
C LYS A 315 0.12 -14.91 14.33
N ALA A 316 -0.26 -16.04 14.90
CA ALA A 316 0.02 -16.34 16.30
C ALA A 316 1.52 -16.50 16.54
N THR A 317 2.19 -17.22 15.65
CA THR A 317 3.63 -17.43 15.75
C THR A 317 4.38 -16.11 15.62
N VAL A 318 3.99 -15.31 14.63
CA VAL A 318 4.62 -14.02 14.38
C VAL A 318 4.44 -13.11 15.59
N LEU A 319 3.22 -13.03 16.08
CA LEU A 319 2.90 -12.15 17.20
C LEU A 319 3.65 -12.56 18.47
N ALA A 320 3.82 -13.87 18.65
CA ALA A 320 4.53 -14.38 19.83
C ALA A 320 6.02 -14.08 19.75
N ARG A 321 6.57 -14.14 18.54
CA ARG A 321 7.99 -13.88 18.33
C ARG A 321 8.30 -12.41 18.56
N ILE A 322 7.36 -11.54 18.19
CA ILE A 322 7.50 -10.10 18.39
C ILE A 322 7.59 -9.81 19.89
N LYS A 323 6.78 -10.51 20.67
CA LYS A 323 6.76 -10.33 22.12
C LYS A 323 8.08 -10.80 22.75
N ARG A 324 8.64 -11.86 22.19
CA ARG A 324 9.82 -12.49 22.80
C ARG A 324 11.12 -11.78 22.45
N THR A 325 11.34 -11.45 21.18
CA THR A 325 12.61 -10.90 20.75
C THR A 325 12.50 -9.58 19.97
N GLY A 326 11.30 -9.03 19.88
CA GLY A 326 11.10 -7.79 19.14
C GLY A 326 11.71 -6.57 19.81
N ASP A 327 11.94 -5.52 19.02
CA ASP A 327 12.54 -4.28 19.54
C ASP A 327 11.48 -3.26 19.95
N GLY A 328 10.23 -3.54 19.61
CA GLY A 328 9.12 -2.69 20.00
C GLY A 328 8.65 -1.69 18.97
N SER A 329 9.11 -1.84 17.73
CA SER A 329 8.74 -0.92 16.66
C SER A 329 7.55 -1.43 15.86
N HIS A 330 7.05 -2.61 16.21
CA HIS A 330 5.95 -3.22 15.48
C HIS A 330 4.61 -2.57 15.83
N LYS A 331 4.59 -1.82 16.93
CA LYS A 331 3.38 -1.15 17.38
C LYS A 331 2.85 -0.15 16.35
N SER A 332 3.73 0.35 15.50
CA SER A 332 3.36 1.34 14.51
C SER A 332 2.90 0.71 13.21
N SER A 333 3.06 -0.62 13.10
CA SER A 333 2.69 -1.33 11.88
C SER A 333 1.61 -2.37 12.13
N GLU A 334 0.97 -2.29 13.29
CA GLU A 334 -0.09 -3.23 13.65
C GLU A 334 -1.36 -3.00 12.84
N ASN A 335 -1.97 -4.10 12.41
CA ASN A 335 -3.25 -4.07 11.69
C ASN A 335 -3.20 -3.19 10.46
N LEU A 336 -2.11 -3.26 9.70
CA LEU A 336 -2.00 -2.54 8.45
C LEU A 336 -2.93 -3.19 7.44
N TYR A 337 -2.75 -4.49 7.23
CA TYR A 337 -3.65 -5.28 6.40
C TYR A 337 -4.05 -6.55 7.14
N PHE A 338 -5.07 -7.24 6.63
CA PHE A 338 -5.49 -8.52 7.21
C PHE A 338 -4.51 -9.61 6.83
N GLN A 339 -3.86 -9.45 5.67
CA GLN A 339 -2.88 -10.40 5.18
C GLN A 339 -1.62 -9.68 4.72
N ASP B 19 -12.49 3.40 27.29
CA ASP B 19 -12.67 4.26 26.13
C ASP B 19 -11.41 5.08 25.88
N ILE B 20 -11.10 5.31 24.61
CA ILE B 20 -9.88 6.01 24.22
C ILE B 20 -10.12 7.49 23.96
N ARG B 21 -11.39 7.85 23.75
CA ARG B 21 -11.73 9.25 23.47
C ARG B 21 -12.92 9.71 24.30
N PRO B 22 -12.67 10.00 25.60
CA PRO B 22 -13.74 10.42 26.51
C PRO B 22 -14.18 11.89 26.33
N GLU B 23 -13.31 12.71 25.76
CA GLU B 23 -13.59 14.13 25.59
C GLU B 23 -14.71 14.39 24.58
N MET B 24 -14.91 13.45 23.67
CA MET B 24 -15.97 13.57 22.66
C MET B 24 -17.01 12.48 22.84
N LYS B 25 -18.27 12.89 22.98
CA LYS B 25 -19.37 11.94 23.17
C LYS B 25 -20.58 12.34 22.34
N GLU B 26 -20.38 13.22 21.37
CA GLU B 26 -21.47 13.72 20.54
C GLU B 26 -21.76 12.79 19.37
N ASP B 27 -20.95 11.74 19.22
CA ASP B 27 -21.13 10.78 18.14
C ASP B 27 -21.35 9.37 18.68
N ILE B 28 -21.55 9.27 19.99
CA ILE B 28 -21.82 7.99 20.63
C ILE B 28 -23.30 7.67 20.52
N HIS B 29 -23.60 6.47 20.02
CA HIS B 29 -24.99 6.05 19.80
C HIS B 29 -25.80 6.07 21.09
N ASP B 30 -26.97 6.69 21.04
CA ASP B 30 -27.85 6.76 22.21
C ASP B 30 -29.07 5.88 22.02
N PRO B 31 -29.06 4.69 22.62
CA PRO B 31 -30.14 3.71 22.47
C PRO B 31 -31.40 4.09 23.26
N THR B 32 -31.26 4.97 24.24
CA THR B 32 -32.39 5.38 25.07
C THR B 32 -33.40 6.20 24.27
N TYR B 33 -32.94 6.83 23.19
CA TYR B 33 -33.83 7.63 22.35
C TYR B 33 -34.46 6.78 21.25
N GLN B 34 -35.78 6.79 21.19
CA GLN B 34 -36.51 6.09 20.15
C GLN B 34 -37.40 7.06 19.38
N ASP B 35 -37.99 6.59 18.29
CA ASP B 35 -38.90 7.43 17.51
C ASP B 35 -40.11 7.80 18.34
N GLU B 36 -40.46 9.09 18.31
CA GLU B 36 -41.66 9.57 18.96
C GLU B 36 -42.87 8.89 18.34
N GLU B 37 -43.80 8.46 19.19
CA GLU B 37 -44.94 7.67 18.74
C GLU B 37 -45.87 8.47 17.83
N GLY B 38 -46.78 7.76 17.16
CA GLY B 38 -47.69 8.38 16.21
C GLY B 38 -47.09 8.43 14.82
N PRO B 39 -47.93 8.74 13.82
CA PRO B 39 -47.45 8.83 12.43
C PRO B 39 -46.51 10.02 12.23
N PRO B 40 -45.48 9.85 11.37
CA PRO B 40 -44.54 10.93 11.06
C PRO B 40 -45.16 11.99 10.16
N PRO B 41 -44.69 13.24 10.27
CA PRO B 41 -45.21 14.32 9.43
C PRO B 41 -44.94 14.06 7.95
N LYS B 42 -45.88 14.41 7.08
CA LYS B 42 -45.72 14.17 5.66
C LYS B 42 -44.61 15.04 5.09
N LEU B 43 -43.96 14.56 4.04
CA LEU B 43 -42.80 15.24 3.48
C LEU B 43 -43.20 16.54 2.78
N GLU B 44 -42.38 17.57 2.98
CA GLU B 44 -42.54 18.83 2.28
C GLU B 44 -41.42 19.01 1.27
N TYR B 45 -41.76 18.98 0.00
CA TYR B 45 -40.75 19.06 -1.07
C TYR B 45 -40.07 20.42 -1.12
N VAL B 46 -38.80 20.42 -1.51
CA VAL B 46 -38.07 21.65 -1.74
C VAL B 46 -37.68 21.70 -3.22
N TRP B 47 -38.52 22.34 -4.02
CA TRP B 47 -38.39 22.29 -5.47
C TRP B 47 -37.16 23.03 -6.01
N ARG B 48 -36.59 23.92 -5.20
CA ARG B 48 -35.33 24.56 -5.57
C ARG B 48 -34.22 23.53 -5.67
N ASN B 49 -34.16 22.64 -4.69
CA ASN B 49 -33.15 21.60 -4.65
C ASN B 49 -33.43 20.51 -5.68
N ILE B 50 -34.70 20.19 -5.88
CA ILE B 50 -35.10 19.12 -6.78
C ILE B 50 -34.69 19.44 -8.22
N ILE B 51 -34.99 20.64 -8.67
CA ILE B 51 -34.67 21.06 -10.03
C ILE B 51 -33.16 21.09 -10.24
N LEU B 52 -32.43 21.68 -9.28
CA LEU B 52 -30.97 21.76 -9.38
C LEU B 52 -30.33 20.37 -9.38
N MET B 53 -30.87 19.47 -8.58
CA MET B 53 -30.31 18.12 -8.47
C MET B 53 -30.53 17.34 -9.76
N VAL B 54 -31.65 17.60 -10.43
CA VAL B 54 -31.96 16.97 -11.71
C VAL B 54 -31.02 17.49 -12.79
N LEU B 55 -30.87 18.81 -12.86
CA LEU B 55 -29.99 19.44 -13.84
C LEU B 55 -28.55 19.00 -13.67
N LEU B 56 -28.12 18.79 -12.43
CA LEU B 56 -26.76 18.39 -12.14
C LEU B 56 -26.45 17.00 -12.70
N HIS B 57 -27.35 16.07 -12.46
CA HIS B 57 -27.16 14.68 -12.90
C HIS B 57 -27.35 14.54 -14.40
N LEU B 58 -28.16 15.42 -14.99
CA LEU B 58 -28.32 15.43 -16.44
C LEU B 58 -27.01 15.87 -17.09
N GLY B 59 -26.38 16.89 -16.52
CA GLY B 59 -25.10 17.37 -17.01
C GLY B 59 -23.99 16.36 -16.79
N GLY B 60 -24.03 15.68 -15.64
CA GLY B 60 -23.06 14.65 -15.33
C GLY B 60 -23.19 13.46 -16.27
N LEU B 61 -24.43 13.08 -16.57
CA LEU B 61 -24.68 11.99 -17.49
C LEU B 61 -24.22 12.35 -18.88
N TYR B 62 -24.37 13.62 -19.23
CA TYR B 62 -23.92 14.13 -20.52
C TYR B 62 -22.40 14.17 -20.58
N GLY B 63 -21.78 14.30 -19.41
CA GLY B 63 -20.33 14.29 -19.32
C GLY B 63 -19.74 12.91 -19.51
N ILE B 64 -20.53 11.89 -19.20
CA ILE B 64 -20.09 10.50 -19.34
C ILE B 64 -19.79 10.17 -20.81
N ILE B 65 -20.71 10.55 -21.69
CA ILE B 65 -20.54 10.28 -23.10
C ILE B 65 -19.53 11.23 -23.74
N LEU B 66 -19.08 12.21 -22.96
CA LEU B 66 -18.10 13.18 -23.43
C LEU B 66 -16.68 12.79 -23.03
N VAL B 67 -16.57 11.82 -22.12
CA VAL B 67 -15.27 11.36 -21.63
C VAL B 67 -14.32 10.86 -22.74
N PRO B 68 -14.83 10.03 -23.68
CA PRO B 68 -13.87 9.56 -24.71
C PRO B 68 -13.34 10.65 -25.63
N SER B 69 -13.96 11.82 -25.61
CA SER B 69 -13.53 12.92 -26.49
C SER B 69 -12.72 13.98 -25.75
N CYS B 70 -12.40 13.69 -24.49
CA CYS B 70 -11.62 14.62 -23.67
C CYS B 70 -10.11 14.36 -23.82
N LYS B 71 -9.31 15.29 -23.32
CA LYS B 71 -7.87 15.11 -23.28
C LYS B 71 -7.47 14.29 -22.06
N LEU B 72 -6.27 13.72 -22.10
CA LEU B 72 -5.78 12.89 -21.01
C LEU B 72 -5.58 13.70 -19.74
N TYR B 73 -5.06 14.91 -19.87
CA TYR B 73 -4.83 15.79 -18.74
C TYR B 73 -6.13 16.15 -18.03
N THR B 74 -7.19 16.33 -18.80
CA THR B 74 -8.51 16.65 -18.25
C THR B 74 -9.02 15.52 -17.37
N CYS B 75 -8.81 14.29 -17.83
CA CYS B 75 -9.21 13.10 -17.07
C CYS B 75 -8.40 12.99 -15.79
N LEU B 76 -7.08 13.14 -15.91
CA LEU B 76 -6.19 13.06 -14.75
C LEU B 76 -6.50 14.16 -13.74
N PHE B 77 -6.88 15.34 -14.25
CA PHE B 77 -7.24 16.46 -13.39
C PHE B 77 -8.54 16.16 -12.66
N GLY B 78 -9.46 15.49 -13.35
CA GLY B 78 -10.73 15.10 -12.75
C GLY B 78 -10.55 14.06 -11.66
N ILE B 79 -9.65 13.11 -11.91
CA ILE B 79 -9.31 12.09 -10.94
C ILE B 79 -8.68 12.74 -9.72
N PHE B 80 -7.72 13.63 -9.96
CA PHE B 80 -7.06 14.38 -8.89
C PHE B 80 -8.07 15.18 -8.07
N TYR B 81 -8.97 15.86 -8.76
CA TYR B 81 -9.96 16.70 -8.09
C TYR B 81 -10.94 15.85 -7.30
N TYR B 82 -11.21 14.66 -7.81
CA TYR B 82 -12.08 13.71 -7.12
C TYR B 82 -11.44 13.28 -5.80
N MET B 83 -10.19 12.82 -5.88
CA MET B 83 -9.46 12.34 -4.72
C MET B 83 -9.26 13.43 -3.68
N THR B 84 -8.93 14.63 -4.16
CA THR B 84 -8.70 15.76 -3.27
C THR B 84 -9.97 16.16 -2.53
N SER B 85 -11.08 16.19 -3.27
CA SER B 85 -12.38 16.49 -2.67
C SER B 85 -12.74 15.41 -1.65
N ALA B 86 -12.44 14.17 -1.99
CA ALA B 86 -12.72 13.02 -1.12
C ALA B 86 -12.03 13.18 0.23
N LEU B 87 -10.73 13.45 0.21
CA LEU B 87 -9.96 13.63 1.44
C LEU B 87 -10.49 14.79 2.26
N GLY B 88 -11.04 15.80 1.58
CA GLY B 88 -11.63 16.93 2.26
C GLY B 88 -12.85 16.55 3.08
N ILE B 89 -13.51 15.48 2.67
CA ILE B 89 -14.69 14.98 3.37
C ILE B 89 -14.29 13.90 4.37
N THR B 90 -13.57 12.90 3.89
CA THR B 90 -13.20 11.75 4.72
C THR B 90 -12.20 12.12 5.82
N ALA B 91 -11.01 12.55 5.41
CA ALA B 91 -9.99 12.94 6.38
C ALA B 91 -10.33 14.27 7.03
N GLY B 92 -11.16 15.05 6.36
CA GLY B 92 -11.51 16.38 6.84
C GLY B 92 -12.75 16.45 7.71
N ALA B 93 -13.89 16.69 7.07
CA ALA B 93 -15.16 16.89 7.77
C ALA B 93 -15.53 15.71 8.66
N HIS B 94 -15.17 14.51 8.22
CA HIS B 94 -15.59 13.29 8.90
C HIS B 94 -14.69 12.93 10.08
N ARG B 95 -13.51 12.39 9.78
CA ARG B 95 -12.66 11.81 10.82
C ARG B 95 -12.01 12.87 11.72
N LEU B 96 -11.85 14.09 11.21
CA LEU B 96 -11.17 15.13 11.97
C LEU B 96 -12.12 16.01 12.76
N TRP B 97 -13.10 16.61 12.10
CA TRP B 97 -13.95 17.61 12.75
C TRP B 97 -15.23 17.02 13.35
N SER B 98 -15.75 15.95 12.77
CA SER B 98 -16.98 15.35 13.29
C SER B 98 -16.70 14.43 14.47
N HIS B 99 -15.61 13.68 14.40
CA HIS B 99 -15.33 12.65 15.39
C HIS B 99 -14.11 12.97 16.27
N ARG B 100 -13.28 13.91 15.83
CA ARG B 100 -12.08 14.30 16.57
C ARG B 100 -11.20 13.09 16.89
N THR B 101 -10.97 12.24 15.89
CA THR B 101 -10.23 10.99 16.10
C THR B 101 -8.73 11.21 16.05
N TYR B 102 -8.32 12.37 15.53
CA TYR B 102 -6.91 12.72 15.51
C TYR B 102 -6.77 14.23 15.45
N LYS B 103 -5.55 14.71 15.69
CA LYS B 103 -5.29 16.14 15.68
C LYS B 103 -4.44 16.51 14.47
N ALA B 104 -4.84 17.57 13.77
CA ALA B 104 -4.11 18.04 12.62
C ALA B 104 -3.55 19.44 12.88
N ARG B 105 -2.36 19.70 12.36
CA ARG B 105 -1.75 21.01 12.53
C ARG B 105 -2.24 21.95 11.44
N LEU B 106 -1.97 23.25 11.61
CA LEU B 106 -2.50 24.29 10.74
C LEU B 106 -2.29 24.07 9.24
N PRO B 107 -1.07 23.69 8.81
CA PRO B 107 -0.91 23.46 7.37
C PRO B 107 -1.82 22.37 6.81
N LEU B 108 -2.01 21.29 7.56
CA LEU B 108 -2.88 20.20 7.12
C LEU B 108 -4.34 20.63 7.14
N ARG B 109 -4.73 21.37 8.18
CA ARG B 109 -6.11 21.82 8.31
C ARG B 109 -6.48 22.83 7.23
N ILE B 110 -5.50 23.60 6.77
CA ILE B 110 -5.73 24.54 5.68
C ILE B 110 -5.98 23.75 4.39
N PHE B 111 -5.17 22.73 4.15
CA PHE B 111 -5.36 21.87 2.98
C PHE B 111 -6.72 21.18 3.01
N LEU B 112 -7.12 20.71 4.18
CA LEU B 112 -8.37 19.97 4.33
C LEU B 112 -9.59 20.90 4.19
N ILE B 113 -9.47 22.12 4.68
CA ILE B 113 -10.61 23.04 4.65
C ILE B 113 -10.82 23.56 3.23
N ILE B 114 -9.76 23.57 2.43
CA ILE B 114 -9.86 23.96 1.03
C ILE B 114 -10.42 22.81 0.22
N ALA B 115 -9.91 21.61 0.51
CA ALA B 115 -10.38 20.41 -0.17
C ALA B 115 -11.84 20.14 0.13
N ASN B 116 -12.25 20.41 1.38
CA ASN B 116 -13.64 20.23 1.77
C ASN B 116 -14.53 21.22 1.01
N THR B 117 -13.99 22.40 0.75
CA THR B 117 -14.70 23.42 0.01
C THR B 117 -14.90 23.00 -1.45
N MET B 118 -13.93 22.28 -2.00
CA MET B 118 -14.05 21.75 -3.36
C MET B 118 -15.17 20.73 -3.45
N ALA B 119 -15.39 19.99 -2.37
CA ALA B 119 -16.35 18.89 -2.36
C ALA B 119 -17.79 19.36 -2.35
N PHE B 120 -18.02 20.56 -1.82
CA PHE B 120 -19.34 21.17 -1.75
C PHE B 120 -20.40 20.23 -1.16
N GLN B 121 -20.27 19.94 0.13
CA GLN B 121 -21.26 19.15 0.85
C GLN B 121 -21.69 19.89 2.10
N ASN B 122 -21.95 21.19 1.94
CA ASN B 122 -22.19 22.13 3.04
C ASN B 122 -20.90 22.35 3.82
N ASP B 123 -20.83 23.46 4.56
CA ASP B 123 -19.65 23.77 5.35
C ASP B 123 -19.44 22.72 6.43
N VAL B 124 -18.22 22.67 6.96
CA VAL B 124 -17.83 21.67 7.96
C VAL B 124 -18.76 21.69 9.17
N TYR B 125 -19.13 22.88 9.62
CA TYR B 125 -19.98 23.02 10.80
C TYR B 125 -21.34 22.36 10.58
N GLU B 126 -21.94 22.59 9.41
CA GLU B 126 -23.23 22.00 9.08
C GLU B 126 -23.11 20.51 8.83
N TRP B 127 -22.03 20.12 8.15
CA TRP B 127 -21.77 18.72 7.82
C TRP B 127 -21.62 17.89 9.09
N ALA B 128 -20.84 18.41 10.05
CA ALA B 128 -20.55 17.70 11.27
C ALA B 128 -21.74 17.66 12.23
N ARG B 129 -22.50 18.75 12.26
CA ARG B 129 -23.67 18.83 13.14
C ARG B 129 -24.70 17.78 12.74
N ASP B 130 -24.93 17.64 11.45
CA ASP B 130 -25.83 16.62 10.93
C ASP B 130 -25.29 15.22 11.22
N HIS B 131 -23.97 15.07 11.05
CA HIS B 131 -23.36 13.75 11.15
C HIS B 131 -23.32 13.24 12.58
N ARG B 132 -23.12 14.14 13.53
CA ARG B 132 -23.13 13.76 14.94
C ARG B 132 -24.52 13.30 15.34
N ALA B 133 -25.54 13.89 14.71
CA ALA B 133 -26.92 13.47 14.93
C ALA B 133 -27.17 12.14 14.23
N HIS B 134 -26.46 11.91 13.13
CA HIS B 134 -26.58 10.66 12.38
C HIS B 134 -26.01 9.49 13.18
N HIS B 135 -25.04 9.77 14.04
CA HIS B 135 -24.41 8.75 14.86
C HIS B 135 -25.15 8.55 16.18
N LYS B 136 -25.47 9.66 16.85
CA LYS B 136 -26.08 9.60 18.17
C LYS B 136 -27.51 9.04 18.10
N PHE B 137 -28.22 9.37 17.03
CA PHE B 137 -29.60 8.95 16.88
C PHE B 137 -29.79 8.17 15.59
N SER B 138 -28.91 7.19 15.36
CA SER B 138 -28.90 6.39 14.15
C SER B 138 -30.23 5.66 13.93
N GLU B 139 -30.66 5.61 12.67
CA GLU B 139 -31.89 4.92 12.26
C GLU B 139 -33.14 5.42 12.99
N THR B 140 -33.17 6.71 13.32
CA THR B 140 -34.35 7.31 13.92
C THR B 140 -34.79 8.53 13.11
N HIS B 141 -35.86 9.17 13.54
CA HIS B 141 -36.34 10.37 12.84
C HIS B 141 -35.41 11.56 13.10
N ALA B 142 -34.55 11.43 14.11
CA ALA B 142 -33.56 12.45 14.39
C ALA B 142 -32.33 12.27 13.50
N ASP B 143 -32.26 11.13 12.83
CA ASP B 143 -31.21 10.86 11.85
C ASP B 143 -31.55 11.59 10.55
N PRO B 144 -30.68 12.53 10.14
CA PRO B 144 -30.89 13.32 8.91
C PRO B 144 -31.07 12.43 7.67
N HIS B 145 -30.36 11.31 7.61
CA HIS B 145 -30.51 10.37 6.51
C HIS B 145 -30.99 9.01 7.01
N ASN B 146 -32.12 9.01 7.71
CA ASN B 146 -32.69 7.80 8.30
C ASN B 146 -32.89 6.68 7.28
N SER B 147 -32.13 5.60 7.45
CA SER B 147 -32.15 4.48 6.50
C SER B 147 -33.45 3.70 6.55
N ARG B 148 -34.24 3.92 7.60
CA ARG B 148 -35.53 3.25 7.73
C ARG B 148 -36.56 3.90 6.79
N ARG B 149 -36.23 5.07 6.28
CA ARG B 149 -37.08 5.75 5.31
C ARG B 149 -36.94 5.12 3.92
N GLY B 150 -35.85 4.41 3.71
CA GLY B 150 -35.62 3.73 2.44
C GLY B 150 -34.31 4.09 1.78
N PHE B 151 -34.05 3.49 0.62
CA PHE B 151 -32.81 3.70 -0.11
C PHE B 151 -32.77 5.10 -0.73
N PHE B 152 -33.87 5.49 -1.36
CA PHE B 152 -33.94 6.78 -2.05
C PHE B 152 -33.76 7.96 -1.10
N PHE B 153 -34.43 7.91 0.05
CA PHE B 153 -34.37 9.00 1.01
C PHE B 153 -32.96 9.15 1.58
N SER B 154 -32.34 8.03 1.96
CA SER B 154 -31.02 8.04 2.57
C SER B 154 -29.94 8.39 1.54
N HIS B 155 -30.23 8.20 0.27
CA HIS B 155 -29.26 8.50 -0.78
C HIS B 155 -29.27 9.98 -1.14
N VAL B 156 -30.43 10.49 -1.56
CA VAL B 156 -30.52 11.87 -2.02
C VAL B 156 -31.87 12.49 -1.62
N GLY B 157 -32.83 11.64 -1.28
CA GLY B 157 -34.17 12.09 -0.93
C GLY B 157 -34.23 13.11 0.20
N TRP B 158 -33.37 12.93 1.19
CA TRP B 158 -33.36 13.82 2.36
C TRP B 158 -32.85 15.22 2.00
N LEU B 159 -32.20 15.33 0.85
CA LEU B 159 -31.72 16.62 0.37
C LEU B 159 -32.77 17.35 -0.44
N LEU B 160 -33.93 16.71 -0.61
CA LEU B 160 -34.98 17.26 -1.45
C LEU B 160 -36.23 17.59 -0.64
N VAL B 161 -36.25 17.20 0.62
CA VAL B 161 -37.40 17.46 1.48
C VAL B 161 -36.96 18.15 2.77
N ARG B 162 -37.93 18.76 3.47
CA ARG B 162 -37.66 19.40 4.75
C ARG B 162 -37.28 18.35 5.79
N LYS B 163 -36.41 18.74 6.73
CA LYS B 163 -35.96 17.83 7.77
C LYS B 163 -37.06 17.55 8.79
N HIS B 164 -37.01 16.37 9.38
CA HIS B 164 -37.91 16.00 10.47
C HIS B 164 -37.60 16.87 11.68
N PRO B 165 -38.64 17.31 12.41
CA PRO B 165 -38.49 18.17 13.60
C PRO B 165 -37.53 17.60 14.65
N ALA B 166 -37.41 16.28 14.73
CA ALA B 166 -36.55 15.65 15.72
C ALA B 166 -35.08 15.90 15.43
N VAL B 167 -34.75 16.14 14.16
CA VAL B 167 -33.39 16.43 13.76
C VAL B 167 -32.95 17.76 14.38
N LYS B 168 -33.85 18.73 14.37
CA LYS B 168 -33.57 20.04 14.95
C LYS B 168 -33.64 19.99 16.48
N GLU B 169 -34.59 19.23 16.99
CA GLU B 169 -34.78 19.09 18.43
C GLU B 169 -33.59 18.40 19.11
N LYS B 170 -33.31 17.18 18.67
CA LYS B 170 -32.25 16.38 19.27
C LYS B 170 -30.86 16.91 18.88
N GLY B 171 -30.75 17.41 17.65
CA GLY B 171 -29.48 17.95 17.18
C GLY B 171 -29.10 19.26 17.84
N GLY B 172 -30.12 20.03 18.25
CA GLY B 172 -29.88 21.31 18.90
C GLY B 172 -29.25 21.17 20.26
N LYS B 173 -29.38 19.98 20.84
CA LYS B 173 -28.85 19.70 22.17
C LYS B 173 -27.42 19.15 22.08
N LEU B 174 -26.92 18.98 20.86
CA LEU B 174 -25.55 18.51 20.65
C LEU B 174 -24.56 19.62 20.93
N ASP B 175 -23.38 19.24 21.40
CA ASP B 175 -22.32 20.21 21.68
C ASP B 175 -21.51 20.47 20.41
N MET B 176 -21.48 21.72 19.98
CA MET B 176 -20.74 22.11 18.79
C MET B 176 -19.69 23.17 19.12
N SER B 177 -19.42 23.33 20.41
CA SER B 177 -18.50 24.36 20.88
C SER B 177 -17.08 24.13 20.41
N ASP B 178 -16.74 22.87 20.15
CA ASP B 178 -15.40 22.51 19.68
C ASP B 178 -15.16 23.05 18.28
N LEU B 179 -16.22 23.16 17.49
CA LEU B 179 -16.12 23.68 16.13
C LEU B 179 -16.35 25.19 16.11
N LYS B 180 -17.10 25.67 17.10
CA LYS B 180 -17.34 27.11 17.25
C LYS B 180 -16.04 27.81 17.65
N ALA B 181 -15.17 27.09 18.35
CA ALA B 181 -13.92 27.65 18.85
C ALA B 181 -12.83 27.60 17.79
N GLU B 182 -13.04 26.81 16.75
CA GLU B 182 -12.07 26.69 15.67
C GLU B 182 -12.28 27.79 14.65
N LYS B 183 -11.33 28.72 14.58
CA LYS B 183 -11.45 29.91 13.74
C LYS B 183 -11.44 29.57 12.26
N LEU B 184 -10.77 28.49 11.90
CA LEU B 184 -10.65 28.10 10.49
C LEU B 184 -11.98 27.54 9.97
N VAL B 185 -12.68 26.81 10.82
CA VAL B 185 -13.99 26.25 10.47
C VAL B 185 -15.03 27.36 10.39
N MET B 186 -14.92 28.32 11.30
CA MET B 186 -15.83 29.47 11.31
C MET B 186 -15.51 30.40 10.15
N PHE B 187 -14.25 30.39 9.70
CA PHE B 187 -13.85 31.20 8.57
C PHE B 187 -14.45 30.64 7.28
N GLN B 188 -14.52 29.31 7.20
CA GLN B 188 -15.10 28.66 6.02
C GLN B 188 -16.58 28.98 5.91
N ARG B 189 -17.31 28.80 7.00
CA ARG B 189 -18.76 29.04 7.02
C ARG B 189 -19.09 30.47 6.61
N ARG B 190 -18.28 31.41 7.06
CA ARG B 190 -18.49 32.83 6.77
C ARG B 190 -18.35 33.11 5.27
N TYR B 191 -17.35 32.50 4.65
CA TYR B 191 -17.10 32.72 3.23
C TYR B 191 -17.32 31.45 2.40
N TYR B 192 -18.34 30.68 2.75
CA TYR B 192 -18.57 29.40 2.09
C TYR B 192 -19.13 29.59 0.68
N LYS B 193 -20.01 30.58 0.50
CA LYS B 193 -20.61 30.83 -0.80
C LYS B 193 -19.57 31.24 -1.86
N PRO B 194 -18.72 32.25 -1.59
CA PRO B 194 -17.75 32.57 -2.63
C PRO B 194 -16.72 31.46 -2.83
N GLY B 195 -16.44 30.71 -1.77
CA GLY B 195 -15.46 29.64 -1.83
C GLY B 195 -15.92 28.43 -2.64
N LEU B 196 -17.16 28.01 -2.45
CA LEU B 196 -17.68 26.83 -3.13
C LEU B 196 -17.82 27.09 -4.63
N LEU B 197 -18.18 28.32 -4.99
CA LEU B 197 -18.34 28.68 -6.39
C LEU B 197 -17.00 28.58 -7.12
N LEU B 198 -15.97 29.08 -6.48
CA LEU B 198 -14.63 29.08 -7.05
C LEU B 198 -14.03 27.68 -7.14
N MET B 199 -14.02 26.98 -6.02
CA MET B 199 -13.29 25.72 -5.91
C MET B 199 -14.01 24.53 -6.56
N CYS B 200 -15.34 24.56 -6.54
CA CYS B 200 -16.12 23.42 -7.02
C CYS B 200 -16.60 23.59 -8.46
N PHE B 201 -16.74 24.85 -8.89
CA PHE B 201 -17.31 25.10 -10.23
C PHE B 201 -16.39 25.92 -11.13
N ILE B 202 -16.04 27.12 -10.71
CA ILE B 202 -15.29 28.05 -11.56
C ILE B 202 -13.90 27.53 -11.92
N LEU B 203 -13.05 27.34 -10.92
CA LEU B 203 -11.66 26.94 -11.14
C LEU B 203 -11.52 25.59 -11.88
N PRO B 204 -12.24 24.53 -11.45
CA PRO B 204 -12.02 23.27 -12.17
C PRO B 204 -12.60 23.27 -13.59
N THR B 205 -13.28 24.35 -13.98
CA THR B 205 -13.78 24.47 -15.34
C THR B 205 -12.81 25.27 -16.20
N LEU B 206 -12.22 26.31 -15.62
CA LEU B 206 -11.32 27.20 -16.36
C LEU B 206 -9.93 26.61 -16.55
N VAL B 207 -9.46 25.83 -15.57
CA VAL B 207 -8.12 25.28 -15.61
C VAL B 207 -7.87 24.38 -16.84
N PRO B 208 -8.78 23.41 -17.11
CA PRO B 208 -8.51 22.63 -18.32
C PRO B 208 -8.69 23.45 -19.60
N TRP B 209 -9.59 24.42 -19.56
CA TRP B 209 -9.90 25.25 -20.72
C TRP B 209 -8.76 26.21 -21.06
N TYR B 210 -7.98 26.57 -20.05
CA TYR B 210 -6.91 27.54 -20.23
C TYR B 210 -5.55 26.89 -20.37
N CYS B 211 -5.23 25.97 -19.46
CA CYS B 211 -3.89 25.39 -19.38
C CYS B 211 -3.55 24.50 -20.58
N TRP B 212 -4.26 23.39 -20.73
CA TRP B 212 -3.96 22.46 -21.82
C TRP B 212 -5.02 22.51 -22.92
N GLY B 213 -5.68 23.65 -23.05
CA GLY B 213 -6.58 23.92 -24.16
C GLY B 213 -7.71 22.95 -24.37
N GLU B 214 -8.40 22.60 -23.29
CA GLU B 214 -9.60 21.77 -23.39
C GLU B 214 -10.77 22.62 -23.84
N THR B 215 -11.69 22.04 -24.61
CA THR B 215 -12.89 22.75 -25.01
C THR B 215 -13.73 23.06 -23.78
N PHE B 216 -14.36 24.23 -23.77
CA PHE B 216 -15.13 24.68 -22.62
C PHE B 216 -16.28 23.73 -22.31
N VAL B 217 -16.83 23.09 -23.34
CA VAL B 217 -17.92 22.15 -23.17
C VAL B 217 -17.47 20.94 -22.36
N ASN B 218 -16.31 20.39 -22.71
CA ASN B 218 -15.77 19.23 -22.02
C ASN B 218 -15.37 19.56 -20.58
N SER B 219 -14.69 20.68 -20.40
CA SER B 219 -14.21 21.07 -19.08
C SER B 219 -15.36 21.38 -18.13
N LEU B 220 -16.52 21.71 -18.69
CA LEU B 220 -17.69 22.05 -17.88
C LEU B 220 -18.44 20.80 -17.42
N PHE B 221 -18.72 19.91 -18.36
CA PHE B 221 -19.57 18.75 -18.07
C PHE B 221 -18.80 17.53 -17.56
N VAL B 222 -17.49 17.52 -17.78
CA VAL B 222 -16.67 16.39 -17.34
C VAL B 222 -15.88 16.75 -16.08
N SER B 223 -15.09 17.82 -16.18
CA SER B 223 -14.20 18.21 -15.09
C SER B 223 -14.96 18.80 -13.91
N THR B 224 -16.21 19.22 -14.14
CA THR B 224 -17.01 19.83 -13.09
C THR B 224 -18.29 19.05 -12.82
N PHE B 225 -19.19 19.02 -13.79
CA PHE B 225 -20.49 18.38 -13.61
C PHE B 225 -20.36 16.90 -13.27
N LEU B 226 -19.65 16.15 -14.12
CA LEU B 226 -19.48 14.72 -13.90
C LEU B 226 -18.71 14.44 -12.61
N ARG B 227 -17.62 15.15 -12.42
CA ARG B 227 -16.75 14.94 -11.26
C ARG B 227 -17.50 15.20 -9.95
N TYR B 228 -18.24 16.29 -9.89
CA TYR B 228 -18.97 16.65 -8.68
C TYR B 228 -20.12 15.68 -8.41
N THR B 229 -20.71 15.15 -9.48
CA THR B 229 -21.79 14.19 -9.36
C THR B 229 -21.25 12.87 -8.79
N LEU B 230 -20.08 12.47 -9.25
CA LEU B 230 -19.45 11.24 -8.77
C LEU B 230 -19.04 11.34 -7.31
N VAL B 231 -18.57 12.53 -6.91
CA VAL B 231 -18.19 12.76 -5.52
C VAL B 231 -19.40 12.63 -4.61
N LEU B 232 -20.50 13.26 -4.99
CA LEU B 232 -21.72 13.23 -4.20
C LEU B 232 -22.27 11.81 -4.05
N ASN B 233 -22.42 11.11 -5.17
CA ASN B 233 -23.04 9.79 -5.16
C ASN B 233 -22.19 8.76 -4.43
N ALA B 234 -20.88 8.86 -4.56
CA ALA B 234 -19.98 7.96 -3.84
C ALA B 234 -20.10 8.22 -2.34
N THR B 235 -20.29 9.49 -1.98
CA THR B 235 -20.50 9.86 -0.58
C THR B 235 -21.87 9.37 -0.10
N TRP B 236 -22.87 9.52 -0.96
CA TRP B 236 -24.24 9.15 -0.59
C TRP B 236 -24.41 7.64 -0.42
N LEU B 237 -23.52 6.86 -1.05
CA LEU B 237 -23.58 5.41 -0.93
C LEU B 237 -23.25 4.95 0.49
N VAL B 238 -22.56 5.80 1.24
CA VAL B 238 -22.22 5.51 2.62
C VAL B 238 -23.47 5.61 3.48
N ASN B 239 -24.42 6.45 3.06
CA ASN B 239 -25.67 6.61 3.79
C ASN B 239 -26.74 5.64 3.30
N SER B 240 -26.59 5.16 2.07
CA SER B 240 -27.60 4.30 1.47
C SER B 240 -27.18 2.83 1.43
N ALA B 241 -26.24 2.51 0.55
CA ALA B 241 -25.83 1.13 0.34
C ALA B 241 -25.10 0.55 1.56
N ALA B 242 -24.44 1.42 2.32
CA ALA B 242 -23.69 0.99 3.49
C ALA B 242 -24.60 0.83 4.72
N HIS B 243 -25.89 1.01 4.52
CA HIS B 243 -26.87 0.80 5.58
C HIS B 243 -27.88 -0.26 5.17
N LEU B 244 -27.60 -0.96 4.07
CA LEU B 244 -28.50 -2.00 3.58
C LEU B 244 -27.75 -3.27 3.17
N TYR B 245 -26.71 -3.12 2.38
CA TYR B 245 -26.00 -4.27 1.82
C TYR B 245 -24.63 -4.47 2.47
N GLY B 246 -24.33 -5.71 2.83
CA GLY B 246 -23.06 -6.05 3.44
C GLY B 246 -23.20 -6.89 4.69
N TYR B 247 -22.07 -7.20 5.32
CA TYR B 247 -22.07 -7.98 6.55
C TYR B 247 -21.95 -7.09 7.78
N ARG B 248 -22.19 -7.67 8.95
CA ARG B 248 -22.07 -6.95 10.20
C ARG B 248 -21.27 -7.75 11.23
N PRO B 249 -19.95 -7.88 11.00
CA PRO B 249 -19.08 -8.73 11.82
C PRO B 249 -18.89 -8.22 13.25
N TYR B 250 -19.20 -6.95 13.48
CA TYR B 250 -18.93 -6.34 14.78
C TYR B 250 -20.20 -6.16 15.61
N ASP B 251 -21.28 -5.73 14.96
CA ASP B 251 -22.56 -5.56 15.63
C ASP B 251 -23.72 -5.81 14.68
N LYS B 252 -24.49 -6.86 14.96
CA LYS B 252 -25.58 -7.27 14.09
C LYS B 252 -26.88 -6.55 14.44
N ASN B 253 -26.85 -5.77 15.52
CA ASN B 253 -28.05 -5.08 16.00
C ASN B 253 -28.30 -3.78 15.25
N ILE B 254 -27.24 -3.14 14.80
CA ILE B 254 -27.35 -1.89 14.04
C ILE B 254 -27.54 -2.22 12.57
N GLN B 255 -27.85 -1.19 11.77
CA GLN B 255 -28.11 -1.38 10.35
C GLN B 255 -26.92 -1.00 9.48
N SER B 256 -25.83 -0.56 10.12
CA SER B 256 -24.62 -0.21 9.40
C SER B 256 -23.94 -1.47 8.88
N ARG B 257 -23.43 -1.41 7.64
CA ARG B 257 -22.84 -2.59 7.02
C ARG B 257 -21.42 -2.36 6.51
N GLU B 258 -20.67 -3.45 6.37
CA GLU B 258 -19.35 -3.42 5.76
C GLU B 258 -19.49 -3.64 4.25
N ASN B 259 -19.14 -2.63 3.48
CA ASN B 259 -19.31 -2.69 2.03
C ASN B 259 -18.02 -2.35 1.29
N ILE B 260 -17.44 -3.35 0.65
CA ILE B 260 -16.18 -3.20 -0.08
C ILE B 260 -16.30 -2.20 -1.22
N LEU B 261 -17.38 -2.32 -1.99
CA LEU B 261 -17.62 -1.44 -3.14
C LEU B 261 -17.67 0.02 -2.72
N VAL B 262 -18.32 0.30 -1.60
CA VAL B 262 -18.43 1.66 -1.09
C VAL B 262 -17.05 2.15 -0.65
N SER B 263 -16.24 1.26 -0.09
CA SER B 263 -14.90 1.62 0.36
C SER B 263 -14.02 2.07 -0.79
N LEU B 264 -14.24 1.48 -1.96
CA LEU B 264 -13.51 1.85 -3.15
C LEU B 264 -13.83 3.28 -3.58
N GLY B 265 -15.12 3.57 -3.72
CA GLY B 265 -15.56 4.89 -4.14
C GLY B 265 -15.41 5.97 -3.08
N ALA B 266 -15.65 5.60 -1.82
CA ALA B 266 -15.58 6.55 -0.71
C ALA B 266 -14.24 6.48 -0.01
N VAL B 267 -13.21 6.10 -0.78
CA VAL B 267 -11.82 5.98 -0.35
C VAL B 267 -11.64 5.53 1.11
N GLY B 268 -12.41 4.52 1.51
CA GLY B 268 -12.25 3.90 2.81
C GLY B 268 -13.41 4.03 3.78
N GLU B 269 -14.44 4.77 3.39
CA GLU B 269 -15.57 5.00 4.27
C GLU B 269 -16.70 4.01 4.04
N GLY B 270 -16.34 2.78 3.69
CA GLY B 270 -17.32 1.73 3.45
C GLY B 270 -17.44 0.72 4.57
N PHE B 271 -16.46 0.71 5.47
CA PHE B 271 -16.49 -0.16 6.64
C PHE B 271 -17.39 0.47 7.70
N HIS B 272 -18.67 0.55 7.41
CA HIS B 272 -19.60 1.37 8.19
C HIS B 272 -20.10 0.67 9.46
N ASN B 273 -20.15 -0.65 9.43
CA ASN B 273 -20.55 -1.41 10.61
C ASN B 273 -19.52 -1.24 11.73
N TYR B 274 -18.25 -1.27 11.34
CA TYR B 274 -17.17 -1.03 12.29
C TYR B 274 -17.21 0.42 12.76
N HIS B 275 -17.41 1.34 11.81
CA HIS B 275 -17.37 2.76 12.09
C HIS B 275 -18.44 3.20 13.09
N HIS B 276 -19.68 2.74 12.89
CA HIS B 276 -20.76 3.10 13.80
C HIS B 276 -20.57 2.45 15.17
N THR B 277 -19.85 1.33 15.20
CA THR B 277 -19.55 0.65 16.44
C THR B 277 -18.42 1.37 17.19
N PHE B 278 -17.40 1.80 16.45
CA PHE B 278 -16.27 2.51 17.03
C PHE B 278 -16.01 3.84 16.30
N PRO B 279 -16.85 4.85 16.57
CA PRO B 279 -16.74 6.13 15.87
C PRO B 279 -15.49 6.93 16.24
N PHE B 280 -14.84 6.55 17.34
CA PHE B 280 -13.66 7.25 17.82
C PHE B 280 -12.37 6.71 17.19
N ASP B 281 -12.51 5.75 16.28
CA ASP B 281 -11.37 5.17 15.59
C ASP B 281 -11.03 6.00 14.35
N TYR B 282 -9.77 6.40 14.24
CA TYR B 282 -9.35 7.30 13.16
C TYR B 282 -9.27 6.59 11.81
N SER B 283 -9.22 5.26 11.84
CA SER B 283 -9.11 4.48 10.62
C SER B 283 -10.48 4.17 10.02
N ALA B 284 -11.51 4.23 10.87
CA ALA B 284 -12.88 3.91 10.49
C ALA B 284 -12.99 2.47 9.96
N SER B 285 -12.03 1.64 10.36
CA SER B 285 -11.98 0.25 9.95
C SER B 285 -11.05 -0.52 10.89
N GLU B 286 -11.23 -1.84 10.95
CA GLU B 286 -10.38 -2.68 11.81
C GLU B 286 -8.93 -2.64 11.34
N TYR B 287 -8.74 -2.81 10.02
CA TYR B 287 -7.41 -2.77 9.45
C TYR B 287 -7.20 -1.45 8.72
N ARG B 288 -6.01 -0.86 8.91
CA ARG B 288 -5.77 0.54 8.54
C ARG B 288 -5.74 0.81 7.03
N TRP B 289 -4.95 0.08 6.28
CA TRP B 289 -4.72 0.42 4.88
C TRP B 289 -5.53 -0.42 3.89
N HIS B 290 -6.29 -1.39 4.40
CA HIS B 290 -7.07 -2.27 3.53
C HIS B 290 -8.23 -1.52 2.88
N ILE B 291 -8.08 -1.21 1.60
CA ILE B 291 -9.08 -0.45 0.84
C ILE B 291 -9.45 0.82 1.59
N ASN B 292 -8.43 1.52 2.07
CA ASN B 292 -8.63 2.70 2.90
C ASN B 292 -7.55 3.73 2.60
N PHE B 293 -7.70 4.43 1.49
CA PHE B 293 -6.74 5.44 1.07
C PHE B 293 -6.67 6.59 2.07
N THR B 294 -7.80 6.88 2.71
CA THR B 294 -7.87 7.97 3.67
C THR B 294 -6.93 7.75 4.85
N THR B 295 -6.97 6.55 5.42
CA THR B 295 -6.09 6.21 6.54
C THR B 295 -4.63 6.25 6.10
N PHE B 296 -4.36 5.79 4.89
CA PHE B 296 -3.02 5.83 4.31
C PHE B 296 -2.55 7.28 4.19
N PHE B 297 -3.48 8.17 3.86
CA PHE B 297 -3.15 9.58 3.72
C PHE B 297 -2.84 10.21 5.07
N ILE B 298 -3.66 9.88 6.07
CA ILE B 298 -3.47 10.41 7.41
C ILE B 298 -2.13 9.96 7.99
N ASP B 299 -1.79 8.69 7.73
CA ASP B 299 -0.53 8.14 8.22
C ASP B 299 0.67 8.78 7.51
N CYS B 300 0.47 9.17 6.25
CA CYS B 300 1.50 9.89 5.52
C CYS B 300 1.70 11.28 6.14
N MET B 301 0.60 11.91 6.51
CA MET B 301 0.64 13.21 7.17
C MET B 301 1.24 13.09 8.57
N ALA B 302 1.03 11.94 9.20
CA ALA B 302 1.58 11.68 10.52
C ALA B 302 3.09 11.50 10.46
N ALA B 303 3.57 11.02 9.32
CA ALA B 303 5.00 10.83 9.12
C ALA B 303 5.69 12.16 8.83
N LEU B 304 4.90 13.14 8.38
CA LEU B 304 5.41 14.47 8.08
C LEU B 304 5.28 15.39 9.29
N GLY B 305 4.66 14.89 10.35
CA GLY B 305 4.48 15.65 11.57
C GLY B 305 3.31 16.61 11.53
N LEU B 306 2.39 16.37 10.59
CA LEU B 306 1.23 17.25 10.42
C LEU B 306 0.00 16.66 11.10
N ALA B 307 0.01 15.34 11.32
CA ALA B 307 -1.09 14.66 12.00
C ALA B 307 -0.56 13.87 13.18
N TYR B 308 -1.32 13.86 14.27
CA TYR B 308 -0.92 13.15 15.48
C TYR B 308 -2.12 12.83 16.36
N ASP B 309 -1.85 12.15 17.48
CA ASP B 309 -2.89 11.74 18.43
C ASP B 309 -3.94 10.87 17.74
N ARG B 310 -3.48 9.99 16.86
CA ARG B 310 -4.37 9.08 16.14
C ARG B 310 -4.92 8.02 17.08
N LYS B 311 -6.25 7.99 17.23
CA LYS B 311 -6.89 7.08 18.15
C LYS B 311 -7.33 5.79 17.46
N LYS B 312 -6.86 4.67 17.98
CA LYS B 312 -7.13 3.36 17.39
C LYS B 312 -7.63 2.38 18.45
N VAL B 313 -8.70 1.66 18.13
CA VAL B 313 -9.29 0.70 19.07
C VAL B 313 -8.40 -0.53 19.17
N SER B 314 -8.17 -0.98 20.41
CA SER B 314 -7.31 -2.13 20.68
C SER B 314 -7.90 -3.41 20.11
N LYS B 315 -7.05 -4.41 19.88
CA LYS B 315 -7.49 -5.69 19.33
C LYS B 315 -8.42 -6.41 20.29
N ALA B 316 -8.11 -6.34 21.59
CA ALA B 316 -8.89 -7.02 22.61
C ALA B 316 -10.32 -6.51 22.63
N THR B 317 -10.47 -5.18 22.56
CA THR B 317 -11.79 -4.56 22.57
C THR B 317 -12.60 -4.98 21.34
N VAL B 318 -11.97 -4.94 20.17
CA VAL B 318 -12.62 -5.33 18.93
C VAL B 318 -13.04 -6.79 18.97
N LEU B 319 -12.11 -7.66 19.37
CA LEU B 319 -12.36 -9.10 19.40
C LEU B 319 -13.47 -9.47 20.39
N ALA B 320 -13.54 -8.73 21.50
CA ALA B 320 -14.56 -8.98 22.51
C ALA B 320 -15.92 -8.54 21.99
N ARG B 321 -15.95 -7.46 21.23
CA ARG B 321 -17.20 -6.93 20.69
C ARG B 321 -17.77 -7.86 19.61
N ILE B 322 -16.88 -8.49 18.84
CA ILE B 322 -17.29 -9.43 17.82
C ILE B 322 -17.97 -10.65 18.46
N LYS B 323 -17.41 -11.13 19.56
CA LYS B 323 -17.94 -12.31 20.23
C LYS B 323 -19.23 -12.01 20.98
N ARG B 324 -19.53 -10.71 21.17
CA ARG B 324 -20.71 -10.32 21.92
C ARG B 324 -21.90 -9.96 21.04
N THR B 325 -21.64 -9.21 19.97
CA THR B 325 -22.72 -8.70 19.13
C THR B 325 -22.51 -8.95 17.64
N GLY B 326 -21.44 -9.65 17.28
CA GLY B 326 -21.15 -9.94 15.89
C GLY B 326 -22.17 -10.86 15.24
N ASP B 327 -22.18 -10.89 13.91
CA ASP B 327 -23.15 -11.71 13.19
C ASP B 327 -22.54 -13.07 12.81
N GLY B 328 -21.26 -13.24 13.14
CA GLY B 328 -20.58 -14.50 12.88
C GLY B 328 -19.95 -14.61 11.52
N SER B 329 -19.69 -13.47 10.89
CA SER B 329 -19.09 -13.45 9.56
C SER B 329 -17.58 -13.18 9.64
N HIS B 330 -17.12 -12.85 10.83
CA HIS B 330 -15.70 -12.58 11.05
C HIS B 330 -14.89 -13.86 11.13
ZN ZN C . 16.96 -15.58 2.15
ZN ZN D . 20.74 -11.22 4.91
C1 ST9 E . 26.34 -11.49 -7.59
C2 ST9 E . 25.38 -12.27 -6.72
O2 ST9 E . 26.42 -10.29 -7.50
C3 ST9 E . 25.39 -11.72 -5.29
C4 ST9 E . 24.02 -11.14 -4.94
C5 ST9 E . 23.17 -12.21 -4.25
C6 ST9 E . 23.03 -11.92 -2.75
C7 ST9 E . 21.58 -11.56 -2.41
C8 ST9 E . 21.18 -12.25 -1.10
C9 ST9 E . 20.27 -11.33 -0.29
C10 ST9 E . 18.88 -11.96 -0.12
C11 ST9 E . 18.14 -12.00 -1.45
C12 ST9 E . 17.84 -10.57 -1.94
C13 ST9 E . 17.36 -10.62 -3.40
C14 ST9 E . 17.14 -9.20 -3.92
C15 ST9 E . 16.95 -9.23 -5.44
C16 ST9 E . 16.68 -7.82 -5.96
C17 ST9 E . 16.55 -7.85 -7.49
C18 ST9 E . 16.31 -6.44 -8.01
N1A ST9 E . 29.54 -23.35 0.00
O1A ST9 E . 33.76 -18.99 -5.75
P1A ST9 E . 35.03 -19.74 -5.60
C1B ST9 E . 33.84 -23.90 -2.81
S1P ST9 E . 27.31 -12.34 -8.72
C2A ST9 E . 30.28 -24.43 -0.19
O2A ST9 E . 35.85 -19.73 -6.98
P2A ST9 E . 37.13 -17.98 -4.48
C2B ST9 E . 33.32 -24.85 -3.91
O2B ST9 E . 33.93 -26.14 -3.79
C2P ST9 E . 27.57 -11.06 -9.96
N3A ST9 E . 31.36 -24.42 -0.93
O3A ST9 E . 35.92 -19.05 -4.45
C3B ST9 E . 33.78 -24.15 -5.20
O3B ST9 E . 33.94 -25.08 -6.27
P3B ST9 E . 32.93 -25.16 -7.52
C3P ST9 E . 28.23 -11.70 -11.20
C4A ST9 E . 31.75 -23.31 -1.54
O4A ST9 E . 38.35 -18.60 -5.33
C4B ST9 E . 35.14 -23.58 -4.75
O4B ST9 E . 34.96 -23.19 -3.38
N4P ST9 E . 29.09 -12.79 -10.75
C5A ST9 E . 30.99 -22.13 -1.38
O5A ST9 E . 37.57 -17.70 -3.09
C5B ST9 E . 35.51 -22.36 -5.59
O5B ST9 E . 34.71 -21.25 -5.16
C5P ST9 E . 30.37 -12.54 -10.40
O5P ST9 E . 30.80 -11.41 -10.45
C6A ST9 E . 29.85 -22.20 -0.57
N6A ST9 E . 29.05 -21.08 -0.37
O6A ST9 E . 36.61 -16.63 -5.18
C6P ST9 E . 31.28 -13.66 -9.92
N7A ST9 E . 31.60 -21.16 -2.11
O7A ST9 E . 31.48 -24.61 -7.09
C7P ST9 E . 32.34 -13.05 -9.00
C8A ST9 E . 32.65 -21.66 -2.68
O8A ST9 E . 33.49 -24.24 -8.71
N8P ST9 E . 32.70 -13.97 -7.92
N9A ST9 E . 32.79 -22.98 -2.37
O9A ST9 E . 32.82 -26.56 -7.98
C9P ST9 E . 33.88 -14.63 -7.97
O9P ST9 E . 34.60 -14.46 -8.93
CAP ST9 E . 34.29 -15.59 -6.87
OAP ST9 E . 33.12 -16.22 -6.32
CBP ST9 E . 35.06 -14.88 -5.75
CCP ST9 E . 35.47 -15.92 -4.71
CDP ST9 E . 34.20 -13.81 -5.09
CEP ST9 E . 36.33 -14.24 -6.31
C2 MPG F . 11.38 0.21 -8.99
C3 MPG F . 12.74 0.01 -9.65
C4 MPG F . 12.73 0.22 -11.17
C5 MPG F . 14.13 0.35 -11.81
C6 MPG F . 14.09 0.52 -13.33
C7 MPG F . 15.48 0.71 -13.96
C8 MPG F . 15.52 0.58 -15.50
C9 MPG F . 16.89 0.74 -16.08
C10 MPG F . 17.21 1.57 -17.10
C11 MPG F . 16.22 2.47 -17.79
C12 MPG F . 16.06 3.84 -17.12
C13 MPG F . 14.87 4.70 -17.59
C14 MPG F . 14.72 6.02 -16.84
C15 MPG F . 13.52 6.85 -17.28
C16 MPG F . 12.17 6.15 -17.09
C17 MPG F . 10.98 6.96 -17.61
C18 MPG F . 9.64 6.25 -17.45
O1 MPG F . 9.66 -1.02 -7.83
C1 MPG F . 10.56 -1.08 -8.92
CXD MPG F . 7.85 -1.93 -6.61
O2 MPG F . 7.71 -0.62 -6.09
C21 MPG F . 8.67 -2.74 -5.61
O3 MPG F . 7.83 -3.38 -4.67
O4 MPG F . 8.16 -2.34 -8.98
CX3 MPG F . 8.55 -1.81 -7.96
ZN ZN G . -19.01 8.99 11.17
ZN ZN H . -24.07 5.76 8.84
C1 ST9 I . -24.44 16.31 0.35
C2 ST9 I . -23.57 15.52 1.30
O2 ST9 I . -24.92 15.74 -0.61
C3 ST9 I . -23.96 15.79 2.75
C4 ST9 I . -24.18 14.46 3.47
C5 ST9 I . -22.85 13.73 3.67
C6 ST9 I . -22.94 12.85 4.91
C7 ST9 I . -22.10 11.57 4.72
C8 ST9 I . -21.90 10.89 6.07
C9 ST9 I . -21.48 9.43 5.85
C10 ST9 I . -20.17 9.14 6.60
C11 ST9 I . -19.01 9.88 5.94
C12 ST9 I . -18.70 9.25 4.58
C13 ST9 I . -17.81 10.19 3.76
C14 ST9 I . -17.61 9.60 2.35
C15 ST9 I . -16.95 10.64 1.45
C16 ST9 I . -16.61 10.00 0.10
C17 ST9 I . -15.91 11.02 -0.80
C18 ST9 I . -15.74 10.44 -2.20
N1A ST9 I . -28.80 19.66 14.22
O1A ST9 I . -31.18 22.97 7.06
P1A ST9 I . -32.40 23.64 7.56
C1B ST9 I . -31.64 23.70 12.62
S1P ST9 I . -24.76 17.97 0.61
C2A ST9 I . -29.20 20.72 14.90
O2A ST9 I . -32.73 24.95 6.67
P2A ST9 I . -34.78 22.37 6.34
C2B ST9 I . -30.55 24.78 12.80
O2B ST9 I . -30.82 25.60 13.94
C2P ST9 I . -25.08 18.45 -1.11
N3A ST9 I . -29.93 21.67 14.37
O3A ST9 I . -33.64 22.62 7.44
C3B ST9 I . -30.65 25.62 11.50
O3B ST9 I . -30.40 27.00 11.79
P3B ST9 I . -29.19 27.81 11.15
C3P ST9 I . -24.92 19.96 -1.27
C4A ST9 I . -30.30 21.60 13.09
O4A ST9 I . -35.65 23.71 6.17
C4B ST9 I . -32.12 25.41 11.07
O4B ST9 I . -32.53 24.14 11.57
N4P ST9 I . -25.67 20.68 -0.24
C5A ST9 I . -29.90 20.51 12.32
O5A ST9 I . -35.65 21.25 6.75
C5B ST9 I . -32.21 25.42 9.55
O5B ST9 I . -32.20 24.06 9.08
C5P ST9 I . -27.00 20.89 -0.37
O5P ST9 I . -27.59 20.49 -1.37
C6A ST9 I . -29.13 19.51 12.94
N6A ST9 I . -28.71 18.39 12.23
O6A ST9 I . -34.08 22.01 4.94
C6P ST9 I . -27.75 21.62 0.69
N7A ST9 I . -30.40 20.69 11.08
O7A ST9 I . -28.08 26.78 10.58
C7P ST9 I . -29.25 21.43 0.47
C8A ST9 I . -31.07 21.81 11.04
O8A ST9 I . -29.75 28.71 9.93
N8P ST9 I . -29.92 21.29 1.77
N9A ST9 I . -31.03 22.41 12.26
O9A ST9 I . -28.59 28.68 12.18
C9P ST9 I . -31.07 21.97 2.01
O9P ST9 I . -31.50 22.72 1.15
CAP ST9 I . -31.78 21.83 3.33
OAP ST9 I . -30.83 21.53 4.35
CBP ST9 I . -32.85 20.73 3.29
CCP ST9 I . -33.56 20.71 4.64
CDP ST9 I . -32.21 19.36 3.02
CEP ST9 I . -33.88 21.02 2.21
C2 MPG J . -11.80 5.34 -7.25
C3 MPG J . -12.76 6.45 -7.70
C4 MPG J . -12.16 7.42 -8.71
C5 MPG J . -13.16 8.36 -9.39
C6 MPG J . -12.54 9.35 -10.37
C7 MPG J . -13.57 10.17 -11.16
C8 MPG J . -13.03 11.42 -11.85
C9 MPG J . -14.09 12.27 -12.47
C10 MPG J . -14.10 12.70 -13.75
C11 MPG J . -13.03 12.37 -14.75
C12 MPG J . -13.29 11.09 -15.54
C13 MPG J . -12.08 10.47 -16.27
C14 MPG J . -12.35 9.07 -16.83
C15 MPG J . -11.18 8.49 -17.63
C16 MPG J . -9.87 8.40 -16.83
C17 MPG J . -8.67 8.00 -17.70
C18 MPG J . -7.36 7.94 -16.92
O1 MPG J . -10.42 4.68 -5.39
C1 MPG J . -10.89 5.80 -6.12
CXD MPG J . -8.95 3.72 -3.81
O2 MPG J . -9.13 2.50 -4.51
C21 MPG J . -9.94 3.75 -2.67
O3 MPG J . -9.55 2.86 -1.64
O4 MPG J . -8.40 5.75 -5.04
CX3 MPG J . -9.20 4.84 -4.80
#